data_4HWT
#
_entry.id   4HWT
#
_cell.length_a   73.897
_cell.length_b   73.897
_cell.length_c   357.587
_cell.angle_alpha   90.000
_cell.angle_beta   90.000
_cell.angle_gamma   90.000
#
_symmetry.space_group_name_H-M   'P 41 21 2'
#
loop_
_entity.id
_entity.type
_entity.pdbx_description
1 polymer 'Threonine--tRNA ligase, cytoplasmic'
2 non-polymer 'ZINC ION'
3 non-polymer N-{[3-(2H-indazol-5-yl)phenyl]sulfonyl}-L-threoninamide
4 water water
#
_entity_poly.entity_id   1
_entity_poly.type   'polypeptide(L)'
_entity_poly.pdbx_seq_one_letter_code
;MARDHRKIGRDQELYFFHELSPGSCFFLPKGAYIYNALIEFIRSEYRKRGFQEVVTPNIFNSRLWMTSGHWQHYSENMFS
FEVEKELFALKPMNCPGHCLMFDHRPRSWRELPLRLADFGVLHRNELSGALTGLTRVRRFQQDDAHIFCAMEQIEDEIKG
CLDFLRTVYSVFGFSFKLNLSTRPEKFLGDIEVWDQAEKQLENSLNEFGEKWELNSGDGAFYGPKIDIQIKDAIGRYHQC
ATIQLDFQLPIRFNLTYVSHDGDDKKRPVIVHRAILGSVERMIAILTENYGGKWPFWLSPRQVMVVPVGPTCDEYAQKVR
QQFHDAKFMADIDLDPGCTLNKKIRNAQLAQYNFILVVGEKEKISGTVNIRTRDNKVHGERTISETIERLQQLKEFRSKQ
AEEEFLEHHHHHH
;
_entity_poly.pdbx_strand_id   A,B
#
# COMPACT_ATOMS: atom_id res chain seq x y z
N ARG A 3 -2.09 -4.27 28.60
CA ARG A 3 -3.44 -4.81 28.23
C ARG A 3 -4.20 -3.89 27.27
N ASP A 4 -3.80 -2.62 27.25
CA ASP A 4 -4.39 -1.59 26.42
C ASP A 4 -3.50 -1.37 25.18
N HIS A 5 -4.10 -1.36 23.99
CA HIS A 5 -3.30 -1.25 22.74
C HIS A 5 -2.46 -0.01 22.67
N ARG A 6 -2.98 1.10 23.15
CA ARG A 6 -2.17 2.34 23.29
C ARG A 6 -0.89 2.13 24.08
N LYS A 7 -1.00 1.53 25.26
CA LYS A 7 0.21 1.28 26.04
C LYS A 7 1.14 0.25 25.35
N ILE A 8 0.59 -0.89 24.95
CA ILE A 8 1.40 -1.89 24.24
C ILE A 8 2.08 -1.27 23.00
N GLY A 9 1.33 -0.44 22.26
CA GLY A 9 1.83 0.18 21.03
C GLY A 9 2.99 1.10 21.27
N ARG A 10 2.92 1.78 22.40
CA ARG A 10 3.95 2.70 22.85
C ARG A 10 5.20 1.90 23.24
N ASP A 11 5.01 0.90 24.11
CA ASP A 11 6.11 0.08 24.61
C ASP A 11 6.81 -0.70 23.50
N GLN A 12 6.06 -1.10 22.46
CA GLN A 12 6.62 -1.95 21.43
C GLN A 12 7.11 -1.12 20.25
N GLU A 13 6.98 0.20 20.37
CA GLU A 13 7.35 1.10 19.32
C GLU A 13 6.65 0.81 18.00
N LEU A 14 5.36 0.51 18.09
CA LEU A 14 4.50 0.27 16.93
C LEU A 14 3.81 1.55 16.41
N TYR A 15 3.27 2.34 17.34
CA TYR A 15 2.48 3.52 16.97
C TYR A 15 2.31 4.41 18.15
N PHE A 16 2.02 5.66 17.86
CA PHE A 16 1.68 6.61 18.90
C PHE A 16 0.69 7.63 18.35
N PHE A 17 0.20 8.52 19.21
CA PHE A 17 -0.82 9.52 18.82
C PHE A 17 -0.34 10.89 19.20
N HIS A 18 -0.81 11.89 18.48
CA HIS A 18 -0.36 13.25 18.73
C HIS A 18 -1.52 14.17 18.71
N GLU A 19 -1.51 15.17 19.60
CA GLU A 19 -2.61 16.18 19.72
C GLU A 19 -2.78 16.97 18.43
N LEU A 20 -1.71 17.10 17.64
CA LEU A 20 -1.75 17.88 16.41
C LEU A 20 -2.53 17.16 15.30
N SER A 21 -2.85 15.89 15.52
CA SER A 21 -3.73 15.18 14.60
C SER A 21 -4.63 14.18 15.34
N PRO A 22 -5.61 14.70 16.12
CA PRO A 22 -6.44 13.79 16.94
C PRO A 22 -7.22 12.84 16.04
N GLY A 23 -7.27 11.56 16.41
CA GLY A 23 -7.99 10.59 15.60
C GLY A 23 -7.26 9.99 14.41
N SER A 24 -5.99 10.35 14.24
CA SER A 24 -5.12 9.70 13.24
C SER A 24 -3.90 9.10 13.92
N CYS A 25 -3.34 8.04 13.34
CA CYS A 25 -2.26 7.34 13.99
C CYS A 25 -0.89 7.54 13.29
N PHE A 26 0.17 7.57 14.08
CA PHE A 26 1.53 7.52 13.52
C PHE A 26 2.04 6.12 13.73
N PHE A 27 2.19 5.37 12.65
CA PHE A 27 2.72 4.03 12.73
C PHE A 27 4.21 4.05 12.52
N LEU A 28 4.96 3.78 13.59
CA LEU A 28 6.39 3.63 13.49
C LEU A 28 6.74 2.42 12.60
N PRO A 29 8.00 2.27 12.16
CA PRO A 29 8.34 1.15 11.25
C PRO A 29 7.73 -0.22 11.65
N LYS A 30 7.86 -0.63 12.92
CA LYS A 30 7.35 -1.95 13.35
C LYS A 30 5.81 -2.06 13.32
N GLY A 31 5.12 -0.94 13.56
CA GLY A 31 3.65 -0.90 13.41
C GLY A 31 3.24 -0.88 11.95
N ALA A 32 4.02 -0.15 11.15
CA ALA A 32 3.79 -0.09 9.70
C ALA A 32 3.97 -1.45 9.09
N TYR A 33 4.96 -2.21 9.57
CA TYR A 33 5.11 -3.62 9.15
C TYR A 33 3.81 -4.42 9.35
N ILE A 34 3.20 -4.27 10.53
CA ILE A 34 1.97 -4.98 10.89
C ILE A 34 0.82 -4.54 9.98
N TYR A 35 0.73 -3.23 9.80
CA TYR A 35 -0.26 -2.62 8.93
C TYR A 35 -0.24 -3.27 7.54
N ASN A 36 0.95 -3.30 6.93
CA ASN A 36 1.09 -3.84 5.60
C ASN A 36 0.93 -5.35 5.54
N ALA A 37 1.33 -6.06 6.60
CA ALA A 37 1.17 -7.52 6.59
C ALA A 37 -0.33 -7.85 6.55
N LEU A 38 -1.14 -7.02 7.21
CA LEU A 38 -2.58 -7.25 7.20
C LEU A 38 -3.16 -7.00 5.80
N ILE A 39 -2.80 -5.86 5.17
CA ILE A 39 -3.25 -5.58 3.82
C ILE A 39 -2.80 -6.75 2.91
N GLU A 40 -1.55 -7.21 3.09
CA GLU A 40 -1.01 -8.31 2.25
C GLU A 40 -1.81 -9.62 2.36
N PHE A 41 -2.18 -9.96 3.58
CA PHE A 41 -2.99 -11.13 3.89
C PHE A 41 -4.33 -11.04 3.15
N ILE A 42 -5.06 -9.94 3.34
CA ILE A 42 -6.26 -9.72 2.58
C ILE A 42 -6.01 -9.81 1.06
N ARG A 43 -5.00 -9.09 0.56
CA ARG A 43 -4.68 -9.20 -0.87
C ARG A 43 -4.56 -10.61 -1.36
N SER A 44 -3.93 -11.51 -0.59
CA SER A 44 -3.69 -12.85 -1.12
C SER A 44 -4.99 -13.68 -1.18
N GLU A 45 -5.93 -13.35 -0.31
CA GLU A 45 -7.27 -13.91 -0.42
C GLU A 45 -8.04 -13.34 -1.63
N TYR A 46 -7.95 -12.04 -1.89
CA TYR A 46 -8.57 -11.43 -3.08
C TYR A 46 -8.17 -12.14 -4.37
N ARG A 47 -6.90 -12.46 -4.50
CA ARG A 47 -6.40 -13.07 -5.70
C ARG A 47 -7.06 -14.44 -5.89
N LYS A 48 -7.37 -15.12 -4.79
CA LYS A 48 -7.94 -16.46 -4.82
C LYS A 48 -9.43 -16.42 -5.08
N ARG A 49 -10.04 -15.26 -4.85
CA ARG A 49 -11.48 -15.15 -4.87
C ARG A 49 -12.07 -14.21 -5.91
N GLY A 50 -11.33 -13.90 -6.96
CA GLY A 50 -11.80 -13.02 -8.04
C GLY A 50 -12.10 -11.57 -7.62
N PHE A 51 -11.35 -11.03 -6.65
CA PHE A 51 -11.47 -9.59 -6.32
C PHE A 51 -10.33 -8.80 -6.98
N GLN A 52 -10.64 -7.62 -7.49
CA GLN A 52 -9.72 -6.81 -8.29
C GLN A 52 -9.50 -5.44 -7.62
N GLU A 53 -8.27 -5.13 -7.29
CA GLU A 53 -7.99 -3.95 -6.47
C GLU A 53 -7.94 -2.70 -7.37
N VAL A 54 -8.39 -1.57 -6.84
CA VAL A 54 -8.38 -0.33 -7.62
C VAL A 54 -7.86 0.81 -6.75
N VAL A 55 -7.45 1.89 -7.39
CA VAL A 55 -7.07 3.07 -6.62
C VAL A 55 -7.97 4.23 -7.03
N THR A 56 -8.55 4.94 -6.05
CA THR A 56 -9.49 6.01 -6.34
C THR A 56 -9.04 7.31 -5.68
N PRO A 57 -9.65 8.42 -6.07
CA PRO A 57 -9.38 9.73 -5.45
C PRO A 57 -9.84 9.75 -4.00
N ASN A 58 -9.44 10.80 -3.29
CA ASN A 58 -9.82 10.98 -1.89
C ASN A 58 -10.77 12.17 -1.70
N ILE A 59 -10.63 13.17 -2.58
CA ILE A 59 -11.51 14.34 -2.59
C ILE A 59 -12.43 14.36 -3.82
N PHE A 60 -13.70 14.61 -3.59
CA PHE A 60 -14.71 14.64 -4.65
C PHE A 60 -15.60 15.87 -4.47
N ASN A 61 -15.90 16.52 -5.60
CA ASN A 61 -16.91 17.56 -5.68
C ASN A 61 -18.18 17.13 -4.94
N SER A 62 -18.80 18.05 -4.21
CA SER A 62 -20.02 17.73 -3.43
C SER A 62 -21.16 17.13 -4.27
N ARG A 63 -21.23 17.49 -5.55
CA ARG A 63 -22.28 16.93 -6.44
C ARG A 63 -22.36 15.39 -6.41
N LEU A 64 -21.22 14.74 -6.24
CA LEU A 64 -21.17 13.27 -6.16
C LEU A 64 -21.84 12.76 -4.89
N TRP A 65 -21.63 13.48 -3.80
CA TRP A 65 -22.25 13.13 -2.52
C TRP A 65 -23.75 13.40 -2.52
N MET A 66 -24.20 14.36 -3.34
CA MET A 66 -25.61 14.60 -3.61
C MET A 66 -26.19 13.46 -4.42
N THR A 67 -25.51 13.08 -5.51
CA THR A 67 -25.93 11.93 -6.31
C THR A 67 -26.01 10.65 -5.46
N SER A 68 -24.98 10.40 -4.65
CA SER A 68 -24.91 9.16 -3.89
C SER A 68 -25.93 9.12 -2.76
N GLY A 69 -26.24 10.29 -2.20
CA GLY A 69 -27.16 10.39 -1.06
C GLY A 69 -26.39 10.56 0.25
N HIS A 70 -25.11 10.88 0.12
CA HIS A 70 -24.21 11.06 1.25
C HIS A 70 -24.28 12.45 1.79
N TRP A 71 -24.58 13.42 0.93
CA TRP A 71 -24.60 14.80 1.36
C TRP A 71 -25.83 15.04 2.21
N GLN A 72 -26.90 14.32 1.92
CA GLN A 72 -28.18 14.47 2.63
C GLN A 72 -28.20 13.70 3.96
N HIS A 73 -27.45 12.59 4.00
CA HIS A 73 -27.50 11.63 5.10
C HIS A 73 -26.25 11.56 5.95
N TYR A 74 -25.16 12.13 5.46
CA TYR A 74 -23.85 11.91 6.08
C TYR A 74 -23.04 13.21 6.16
N SER A 75 -23.66 14.31 5.72
CA SER A 75 -23.05 15.64 5.65
C SER A 75 -22.20 15.96 6.87
N GLU A 76 -22.82 15.85 8.05
CA GLU A 76 -22.19 16.21 9.32
C GLU A 76 -20.93 15.36 9.61
N ASN A 77 -20.98 14.08 9.26
CA ASN A 77 -19.85 13.16 9.37
C ASN A 77 -18.70 13.37 8.38
N MET A 78 -18.77 14.43 7.57
CA MET A 78 -17.80 14.59 6.50
C MET A 78 -17.01 15.88 6.64
N PHE A 79 -15.75 15.87 6.21
CA PHE A 79 -14.95 17.08 6.12
C PHE A 79 -15.05 17.73 4.75
N SER A 80 -15.56 18.96 4.72
CA SER A 80 -15.73 19.69 3.47
C SER A 80 -14.96 21.01 3.44
N PHE A 81 -14.71 21.51 2.23
CA PHE A 81 -13.97 22.75 2.00
C PHE A 81 -14.23 23.26 0.59
N GLU A 82 -13.95 24.54 0.38
CA GLU A 82 -14.13 25.16 -0.92
C GLU A 82 -12.87 25.13 -1.73
N VAL A 83 -13.04 25.04 -3.04
CA VAL A 83 -11.96 25.12 -4.00
C VAL A 83 -12.52 25.87 -5.22
N GLU A 84 -11.85 26.93 -5.66
CA GLU A 84 -12.35 27.82 -6.75
C GLU A 84 -13.87 27.97 -6.71
N LYS A 85 -14.39 28.42 -5.59
CA LYS A 85 -15.84 28.71 -5.49
C LYS A 85 -16.73 27.46 -5.61
N GLU A 86 -16.14 26.28 -5.53
CA GLU A 86 -16.93 25.06 -5.50
C GLU A 86 -16.63 24.25 -4.26
N LEU A 87 -17.57 23.40 -3.86
CA LEU A 87 -17.49 22.64 -2.61
C LEU A 87 -17.02 21.19 -2.84
N PHE A 88 -15.94 20.82 -2.16
CA PHE A 88 -15.40 19.45 -2.15
C PHE A 88 -15.43 18.82 -0.76
N ALA A 89 -15.32 17.49 -0.71
CA ALA A 89 -15.23 16.78 0.57
C ALA A 89 -14.37 15.53 0.46
N LEU A 90 -13.68 15.21 1.55
CA LEU A 90 -12.87 14.01 1.67
C LEU A 90 -13.84 12.82 1.74
N LYS A 91 -13.49 11.72 1.10
CA LYS A 91 -14.40 10.57 1.10
C LYS A 91 -14.52 9.91 2.46
N PRO A 92 -15.75 9.57 2.86
CA PRO A 92 -15.98 8.75 4.04
C PRO A 92 -16.21 7.30 3.66
N MET A 93 -16.40 7.04 2.36
CA MET A 93 -16.68 5.71 1.86
C MET A 93 -16.15 5.63 0.43
N ASN A 94 -15.85 4.41 -0.03
CA ASN A 94 -15.37 4.24 -1.40
C ASN A 94 -16.47 4.03 -2.44
N CYS A 95 -17.68 3.76 -1.98
CA CYS A 95 -18.74 3.24 -2.87
C CYS A 95 -19.04 4.15 -4.07
N PRO A 96 -19.18 5.47 -3.83
CA PRO A 96 -19.53 6.34 -4.97
C PRO A 96 -18.43 6.36 -6.05
N GLY A 97 -17.17 6.39 -5.64
CA GLY A 97 -16.10 6.29 -6.63
C GLY A 97 -16.22 4.99 -7.40
N HIS A 98 -16.56 3.91 -6.74
CA HIS A 98 -16.72 2.64 -7.46
C HIS A 98 -17.87 2.64 -8.45
N CYS A 99 -18.93 3.40 -8.13
CA CYS A 99 -20.07 3.52 -9.02
C CYS A 99 -19.64 4.24 -10.30
N LEU A 100 -18.86 5.31 -10.13
CA LEU A 100 -18.27 6.00 -11.25
C LEU A 100 -17.46 5.03 -12.14
N MET A 101 -16.67 4.15 -11.50
CA MET A 101 -15.82 3.21 -12.24
C MET A 101 -16.65 2.21 -12.99
N PHE A 102 -17.69 1.68 -12.34
CA PHE A 102 -18.55 0.73 -13.00
C PHE A 102 -19.23 1.40 -14.19
N ASP A 103 -19.58 2.67 -14.01
CA ASP A 103 -20.33 3.42 -15.02
C ASP A 103 -19.45 3.95 -16.15
N HIS A 104 -18.13 3.88 -15.99
CA HIS A 104 -17.17 4.45 -16.93
C HIS A 104 -17.31 4.01 -18.39
N ARG A 105 -17.91 2.85 -18.61
CA ARG A 105 -18.08 2.27 -19.96
C ARG A 105 -19.17 1.20 -19.86
N PRO A 106 -19.84 0.88 -20.99
CA PRO A 106 -20.96 -0.07 -20.89
C PRO A 106 -20.50 -1.41 -20.37
N ARG A 107 -21.36 -2.07 -19.60
CA ARG A 107 -21.01 -3.31 -18.95
C ARG A 107 -21.82 -4.48 -19.47
N SER A 108 -21.13 -5.59 -19.57
CA SER A 108 -21.67 -6.81 -20.12
C SER A 108 -21.93 -7.76 -18.95
N TRP A 109 -23.02 -8.52 -19.03
CA TRP A 109 -23.35 -9.51 -18.00
C TRP A 109 -22.24 -10.52 -17.82
N ARG A 110 -21.41 -10.70 -18.84
CA ARG A 110 -20.30 -11.67 -18.82
C ARG A 110 -19.19 -11.30 -17.84
N GLU A 111 -19.00 -10.01 -17.57
CA GLU A 111 -17.97 -9.57 -16.62
C GLU A 111 -18.49 -9.57 -15.16
N LEU A 112 -19.78 -9.88 -14.97
CA LEU A 112 -20.37 -9.98 -13.63
C LEU A 112 -20.35 -11.40 -13.07
N PRO A 113 -20.07 -11.54 -11.75
CA PRO A 113 -19.85 -10.49 -10.73
C PRO A 113 -18.51 -9.78 -10.86
N LEU A 114 -18.53 -8.47 -10.74
CA LEU A 114 -17.35 -7.64 -10.83
C LEU A 114 -17.08 -7.08 -9.43
N ARG A 115 -15.95 -7.47 -8.87
CA ARG A 115 -15.66 -7.17 -7.46
C ARG A 115 -14.50 -6.17 -7.35
N LEU A 116 -14.79 -4.94 -6.92
CA LEU A 116 -13.77 -3.92 -6.82
C LEU A 116 -13.32 -3.70 -5.38
N ALA A 117 -12.04 -3.98 -5.12
CA ALA A 117 -11.45 -3.81 -3.80
C ALA A 117 -10.63 -2.54 -3.78
N ASP A 118 -10.62 -1.87 -2.62
CA ASP A 118 -10.00 -0.57 -2.46
C ASP A 118 -9.54 -0.37 -1.01
N PHE A 119 -8.26 -0.03 -0.82
CA PHE A 119 -7.69 0.21 0.54
C PHE A 119 -7.53 1.70 0.84
N GLY A 120 -8.22 2.54 0.10
CA GLY A 120 -8.04 3.97 0.21
C GLY A 120 -8.30 4.52 1.60
N VAL A 121 -7.71 5.67 1.83
CA VAL A 121 -7.85 6.37 3.10
C VAL A 121 -9.24 6.99 3.12
N LEU A 122 -9.99 6.65 4.15
CA LEU A 122 -11.30 7.25 4.40
C LEU A 122 -11.19 8.22 5.58
N HIS A 123 -11.95 9.30 5.56
CA HIS A 123 -12.09 10.17 6.73
C HIS A 123 -13.53 10.37 7.13
N ARG A 124 -13.80 10.28 8.44
CA ARG A 124 -15.12 10.62 8.97
C ARG A 124 -14.94 11.53 10.18
N ASN A 125 -15.84 12.50 10.35
CA ASN A 125 -15.67 13.50 11.41
C ASN A 125 -16.29 13.04 12.71
N GLU A 126 -15.53 12.31 13.51
CA GLU A 126 -15.93 11.98 14.88
C GLU A 126 -15.68 13.15 15.82
N LEU A 127 -16.56 13.29 16.80
CA LEU A 127 -16.37 14.26 17.88
C LEU A 127 -15.09 13.92 18.67
N SER A 128 -14.27 14.93 18.94
CA SER A 128 -13.00 14.77 19.69
C SER A 128 -13.13 14.00 21.02
N GLY A 129 -14.17 14.31 21.80
CA GLY A 129 -14.40 13.67 23.10
C GLY A 129 -14.77 12.18 23.00
N ALA A 130 -15.01 11.69 21.78
CA ALA A 130 -15.29 10.27 21.58
C ALA A 130 -14.13 9.51 20.90
N LEU A 131 -12.98 10.18 20.74
CA LEU A 131 -11.79 9.58 20.10
C LEU A 131 -10.91 8.80 21.07
N THR A 132 -10.54 7.56 20.70
CA THR A 132 -9.71 6.70 21.54
C THR A 132 -8.84 5.76 20.72
N GLY A 133 -7.54 6.02 20.75
CA GLY A 133 -6.56 5.17 20.11
C GLY A 133 -6.97 4.74 18.72
N LEU A 134 -6.99 3.44 18.48
CA LEU A 134 -7.32 2.94 17.18
C LEU A 134 -8.76 2.46 17.06
N THR A 135 -9.55 2.67 18.11
CA THR A 135 -10.93 2.17 18.21
C THR A 135 -11.94 3.13 17.59
N ARG A 136 -11.95 4.37 18.04
CA ARG A 136 -12.79 5.41 17.45
C ARG A 136 -11.86 6.47 16.85
N VAL A 137 -11.86 6.60 15.53
CA VAL A 137 -10.86 7.40 14.80
C VAL A 137 -11.48 8.34 13.74
N ARG A 138 -10.67 9.22 13.18
CA ARG A 138 -11.11 10.03 12.07
C ARG A 138 -10.57 9.53 10.72
N ARG A 139 -9.31 9.08 10.67
CA ARG A 139 -8.78 8.50 9.42
C ARG A 139 -8.53 7.01 9.56
N PHE A 140 -8.90 6.25 8.53
CA PHE A 140 -8.74 4.79 8.56
C PHE A 140 -8.67 4.19 7.16
N GLN A 141 -8.13 2.99 7.02
CA GLN A 141 -8.23 2.34 5.70
C GLN A 141 -9.04 1.10 5.93
N GLN A 142 -10.14 0.94 5.20
CA GLN A 142 -10.95 -0.25 5.30
C GLN A 142 -10.45 -1.27 4.30
N ASP A 143 -10.57 -2.56 4.60
CA ASP A 143 -10.43 -3.58 3.58
C ASP A 143 -11.76 -3.70 2.84
N ASP A 144 -12.13 -2.62 2.17
CA ASP A 144 -13.39 -2.45 1.48
C ASP A 144 -13.43 -3.13 0.10
N ALA A 145 -14.62 -3.58 -0.28
CA ALA A 145 -14.91 -3.94 -1.67
C ALA A 145 -16.40 -3.82 -1.98
N HIS A 146 -16.71 -3.64 -3.27
CA HIS A 146 -18.09 -3.60 -3.77
C HIS A 146 -18.23 -4.57 -4.90
N ILE A 147 -19.20 -5.48 -4.72
CA ILE A 147 -19.48 -6.51 -5.67
C ILE A 147 -20.63 -6.01 -6.50
N PHE A 148 -20.42 -5.90 -7.81
CA PHE A 148 -21.47 -5.61 -8.78
C PHE A 148 -21.92 -6.94 -9.40
N CYS A 149 -23.18 -7.31 -9.14
CA CYS A 149 -23.69 -8.58 -9.64
C CYS A 149 -25.15 -8.53 -10.13
N ALA A 150 -25.56 -9.61 -10.79
CA ALA A 150 -26.94 -9.78 -11.25
C ALA A 150 -27.81 -10.28 -10.11
N MET A 151 -29.10 -9.98 -10.20
CA MET A 151 -30.07 -10.39 -9.19
C MET A 151 -29.92 -11.85 -8.78
N GLU A 152 -29.90 -12.72 -9.78
CA GLU A 152 -29.82 -14.15 -9.54
C GLU A 152 -28.42 -14.58 -9.07
N GLN A 153 -27.49 -13.65 -9.01
CA GLN A 153 -26.17 -13.99 -8.49
C GLN A 153 -26.01 -13.73 -6.99
N ILE A 154 -26.86 -12.88 -6.41
CA ILE A 154 -26.80 -12.49 -4.98
C ILE A 154 -26.56 -13.66 -4.03
N GLU A 155 -27.30 -14.74 -4.23
CA GLU A 155 -27.29 -15.86 -3.31
C GLU A 155 -25.89 -16.44 -3.17
N ASP A 156 -25.21 -16.69 -4.29
CA ASP A 156 -23.86 -17.28 -4.26
C ASP A 156 -22.83 -16.33 -3.68
N GLU A 157 -22.93 -15.06 -4.05
CA GLU A 157 -21.98 -14.03 -3.62
C GLU A 157 -22.02 -13.83 -2.11
N ILE A 158 -23.23 -13.82 -1.56
CA ILE A 158 -23.37 -13.69 -0.11
C ILE A 158 -22.83 -14.96 0.57
N LYS A 159 -23.14 -16.13 0.02
CA LYS A 159 -22.46 -17.35 0.44
C LYS A 159 -20.93 -17.15 0.42
N GLY A 160 -20.42 -16.56 -0.66
CA GLY A 160 -18.98 -16.36 -0.84
C GLY A 160 -18.41 -15.43 0.23
N CYS A 161 -19.11 -14.33 0.48
CA CYS A 161 -18.79 -13.40 1.54
C CYS A 161 -18.70 -14.08 2.92
N LEU A 162 -19.58 -15.05 3.14
CA LEU A 162 -19.58 -15.83 4.37
C LEU A 162 -18.37 -16.72 4.46
N ASP A 163 -18.08 -17.44 3.37
CA ASP A 163 -16.86 -18.25 3.30
C ASP A 163 -15.60 -17.42 3.51
N PHE A 164 -15.47 -16.31 2.78
CA PHE A 164 -14.33 -15.39 2.93
C PHE A 164 -14.11 -15.06 4.42
N LEU A 165 -15.20 -14.61 5.07
CA LEU A 165 -15.26 -14.33 6.51
C LEU A 165 -14.71 -15.45 7.38
N ARG A 166 -15.28 -16.64 7.20
CA ARG A 166 -14.89 -17.75 8.03
C ARG A 166 -13.41 -18.02 7.87
N THR A 167 -12.90 -18.02 6.63
CA THR A 167 -11.52 -18.42 6.41
C THR A 167 -10.54 -17.42 7.00
N VAL A 168 -10.86 -16.12 6.94
CA VAL A 168 -10.00 -15.08 7.54
C VAL A 168 -10.01 -15.23 9.05
N TYR A 169 -11.19 -15.22 9.66
CA TYR A 169 -11.30 -15.27 11.11
C TYR A 169 -10.77 -16.56 11.72
N SER A 170 -10.90 -17.64 10.96
CA SER A 170 -10.24 -18.88 11.31
C SER A 170 -8.70 -18.76 11.37
N VAL A 171 -8.05 -18.08 10.40
CA VAL A 171 -6.61 -17.72 10.53
C VAL A 171 -6.30 -16.98 11.85
N PHE A 172 -7.05 -15.95 12.19
CA PHE A 172 -6.86 -15.34 13.53
C PHE A 172 -7.21 -16.25 14.73
N GLY A 173 -8.03 -17.29 14.52
CA GLY A 173 -8.53 -18.09 15.65
C GLY A 173 -9.84 -17.61 16.29
N PHE A 174 -10.54 -16.68 15.64
CA PHE A 174 -11.77 -16.10 16.19
C PHE A 174 -13.05 -16.79 15.78
N SER A 175 -13.95 -16.99 16.74
CA SER A 175 -15.35 -17.26 16.42
C SER A 175 -16.08 -15.96 16.16
N PHE A 176 -17.30 -16.05 15.64
CA PHE A 176 -18.08 -14.88 15.29
C PHE A 176 -19.57 -15.19 15.37
N LYS A 177 -20.38 -14.14 15.55
CA LYS A 177 -21.84 -14.23 15.59
C LYS A 177 -22.37 -13.27 14.55
N LEU A 178 -23.59 -13.55 14.07
CA LEU A 178 -24.25 -12.75 13.02
C LEU A 178 -25.50 -11.97 13.50
N ASN A 179 -25.56 -10.70 13.11
CA ASN A 179 -26.73 -9.84 13.32
C ASN A 179 -27.30 -9.39 11.99
N LEU A 180 -28.62 -9.17 11.95
CA LEU A 180 -29.27 -8.53 10.80
C LEU A 180 -29.68 -7.11 11.18
N SER A 181 -29.12 -6.14 10.48
CA SER A 181 -29.46 -4.74 10.65
C SER A 181 -30.55 -4.27 9.67
N THR A 182 -31.70 -3.94 10.24
CA THR A 182 -32.93 -3.53 9.54
C THR A 182 -32.84 -2.06 9.11
N ARG A 183 -33.66 -1.65 8.15
CA ARG A 183 -33.71 -0.24 7.74
C ARG A 183 -33.77 0.75 8.90
N PRO A 184 -32.96 1.81 8.85
CA PRO A 184 -33.01 2.84 9.86
C PRO A 184 -34.10 3.87 9.55
N GLU A 185 -34.16 4.92 10.37
CA GLU A 185 -34.96 6.11 10.04
C GLU A 185 -34.05 7.09 9.32
N LYS A 186 -34.58 7.72 8.26
CA LYS A 186 -33.78 8.59 7.37
C LYS A 186 -32.99 7.72 6.33
N PHE A 187 -33.71 6.87 5.60
CA PHE A 187 -33.14 6.05 4.51
C PHE A 187 -33.54 6.58 3.12
N LEU A 188 -33.10 5.89 2.07
CA LEU A 188 -33.61 6.18 0.72
C LEU A 188 -34.18 5.00 -0.06
N GLY A 189 -35.04 5.31 -1.02
CA GLY A 189 -35.74 4.32 -1.83
C GLY A 189 -37.08 3.88 -1.25
N ASP A 190 -37.73 2.95 -1.95
CA ASP A 190 -39.05 2.44 -1.58
C ASP A 190 -38.99 1.40 -0.48
N ILE A 191 -39.87 1.54 0.50
CA ILE A 191 -39.99 0.58 1.60
C ILE A 191 -40.07 -0.84 1.04
N GLU A 192 -40.77 -0.98 -0.08
CA GLU A 192 -41.07 -2.27 -0.70
C GLU A 192 -39.78 -3.01 -1.06
N VAL A 193 -38.89 -2.30 -1.75
CA VAL A 193 -37.58 -2.82 -2.18
C VAL A 193 -36.71 -3.23 -0.98
N TRP A 194 -36.66 -2.37 0.03
CA TRP A 194 -36.05 -2.68 1.32
C TRP A 194 -36.51 -4.01 1.88
N ASP A 195 -37.81 -4.17 2.03
CA ASP A 195 -38.42 -5.45 2.47
C ASP A 195 -37.84 -6.64 1.68
N GLN A 196 -37.73 -6.46 0.37
CA GLN A 196 -37.18 -7.44 -0.57
C GLN A 196 -35.72 -7.78 -0.26
N ALA A 197 -34.96 -6.76 0.18
CA ALA A 197 -33.54 -6.87 0.49
C ALA A 197 -33.33 -7.50 1.86
N GLU A 198 -34.17 -7.12 2.81
CA GLU A 198 -34.18 -7.75 4.12
C GLU A 198 -34.54 -9.24 4.04
N LYS A 199 -35.48 -9.59 3.16
CA LYS A 199 -35.88 -11.00 3.01
C LYS A 199 -34.75 -11.88 2.48
N GLN A 200 -33.96 -11.35 1.55
CA GLN A 200 -32.81 -12.10 1.03
C GLN A 200 -31.70 -12.28 2.09
N LEU A 201 -31.51 -11.28 2.95
CA LEU A 201 -30.48 -11.38 4.03
C LEU A 201 -30.91 -12.38 5.11
N GLU A 202 -32.17 -12.31 5.49
CA GLU A 202 -32.80 -13.28 6.35
C GLU A 202 -32.55 -14.70 5.82
N ASN A 203 -32.89 -14.94 4.55
CA ASN A 203 -32.77 -16.26 3.94
C ASN A 203 -31.34 -16.80 3.98
N SER A 204 -30.42 -16.10 3.33
CA SER A 204 -29.01 -16.48 3.33
C SER A 204 -28.42 -16.63 4.74
N LEU A 205 -28.97 -15.87 5.68
CA LEU A 205 -28.56 -15.88 7.10
C LEU A 205 -28.91 -17.19 7.84
N ASN A 206 -29.92 -17.90 7.37
CA ASN A 206 -30.15 -19.26 7.88
C ASN A 206 -30.00 -20.40 6.85
N GLU A 207 -29.57 -20.08 5.63
CA GLU A 207 -28.95 -21.09 4.75
C GLU A 207 -27.60 -21.40 5.39
N PHE A 208 -26.90 -20.35 5.83
CA PHE A 208 -25.69 -20.43 6.63
C PHE A 208 -26.09 -20.77 8.06
N GLY A 209 -26.31 -22.06 8.31
CA GLY A 209 -26.95 -22.54 9.53
C GLY A 209 -26.26 -22.13 10.82
N GLU A 210 -26.55 -20.92 11.26
CA GLU A 210 -25.92 -20.36 12.44
C GLU A 210 -26.92 -19.45 13.12
N LYS A 211 -26.97 -19.51 14.45
CA LYS A 211 -27.86 -18.67 15.24
C LYS A 211 -27.61 -17.22 14.89
N TRP A 212 -28.68 -16.46 14.68
CA TRP A 212 -28.53 -15.05 14.35
C TRP A 212 -29.55 -14.17 14.99
N GLU A 213 -29.15 -12.93 15.21
CA GLU A 213 -29.94 -11.98 15.98
C GLU A 213 -30.51 -10.88 15.12
N LEU A 214 -31.69 -10.41 15.47
CA LEU A 214 -32.25 -9.20 14.89
C LEU A 214 -31.62 -8.01 15.60
N ASN A 215 -31.57 -6.88 14.90
CA ASN A 215 -30.86 -5.69 15.36
C ASN A 215 -31.55 -4.44 14.76
N SER A 216 -32.74 -4.12 15.28
CA SER A 216 -33.68 -3.22 14.60
C SER A 216 -33.14 -1.83 14.26
N GLY A 217 -33.33 -1.44 12.99
CA GLY A 217 -33.02 -0.08 12.54
C GLY A 217 -31.57 0.33 12.45
N ASP A 218 -30.65 -0.65 12.48
CA ASP A 218 -29.22 -0.34 12.39
C ASP A 218 -28.64 -0.43 10.99
N GLY A 219 -29.51 -0.69 10.00
CA GLY A 219 -29.08 -0.73 8.60
C GLY A 219 -28.49 0.59 8.13
N ALA A 220 -27.71 0.53 7.05
CA ALA A 220 -27.21 1.73 6.37
C ALA A 220 -28.35 2.40 5.59
N PHE A 221 -28.20 3.70 5.33
CA PHE A 221 -29.24 4.46 4.61
C PHE A 221 -29.50 3.92 3.19
N TYR A 222 -28.59 3.12 2.66
CA TYR A 222 -28.73 2.62 1.29
C TYR A 222 -29.07 1.12 1.26
N GLY A 223 -29.06 0.47 2.42
CA GLY A 223 -29.33 -0.96 2.47
C GLY A 223 -29.27 -1.61 3.84
N PRO A 224 -29.97 -2.76 4.00
CA PRO A 224 -29.87 -3.62 5.17
C PRO A 224 -28.50 -4.32 5.24
N LYS A 225 -28.09 -4.69 6.45
CA LYS A 225 -26.75 -5.22 6.66
C LYS A 225 -26.79 -6.54 7.41
N ILE A 226 -25.97 -7.49 6.97
CA ILE A 226 -25.50 -8.52 7.87
C ILE A 226 -24.30 -7.93 8.60
N ASP A 227 -24.42 -7.77 9.92
CA ASP A 227 -23.30 -7.37 10.75
C ASP A 227 -22.71 -8.56 11.49
N ILE A 228 -21.41 -8.49 11.78
CA ILE A 228 -20.67 -9.61 12.35
C ILE A 228 -19.76 -9.12 13.46
N GLN A 229 -19.93 -9.68 14.65
CA GLN A 229 -18.98 -9.44 15.72
C GLN A 229 -18.11 -10.67 15.83
N ILE A 230 -16.83 -10.45 16.03
CA ILE A 230 -15.92 -11.54 16.28
C ILE A 230 -15.66 -11.61 17.79
N LYS A 231 -15.35 -12.80 18.27
CA LYS A 231 -14.98 -12.98 19.67
C LYS A 231 -13.50 -13.32 19.72
N ASP A 232 -12.75 -12.51 20.46
CA ASP A 232 -11.32 -12.71 20.53
C ASP A 232 -10.94 -13.70 21.64
N ALA A 233 -9.63 -13.87 21.85
CA ALA A 233 -9.10 -14.84 22.78
C ALA A 233 -9.42 -14.51 24.24
N ILE A 234 -9.60 -13.24 24.55
CA ILE A 234 -9.96 -12.81 25.91
C ILE A 234 -11.46 -12.99 26.15
N GLY A 235 -12.18 -13.27 25.06
CA GLY A 235 -13.63 -13.44 25.10
C GLY A 235 -14.43 -12.18 24.74
N ARG A 236 -13.75 -11.10 24.34
CA ARG A 236 -14.43 -9.84 23.99
C ARG A 236 -14.94 -9.82 22.54
N TYR A 237 -16.17 -9.31 22.37
CA TYR A 237 -16.74 -9.14 21.03
C TYR A 237 -16.44 -7.78 20.43
N HIS A 238 -16.14 -7.78 19.13
CA HIS A 238 -15.81 -6.57 18.40
C HIS A 238 -16.59 -6.57 17.13
N GLN A 239 -17.13 -5.41 16.74
CA GLN A 239 -17.76 -5.27 15.43
C GLN A 239 -16.75 -4.98 14.35
N CYS A 240 -16.65 -5.87 13.36
CA CYS A 240 -15.68 -5.74 12.30
C CYS A 240 -16.34 -5.84 10.95
N ALA A 241 -16.82 -7.04 10.63
CA ALA A 241 -17.30 -7.36 9.31
C ALA A 241 -18.74 -6.96 9.10
N THR A 242 -19.03 -6.63 7.84
CA THR A 242 -20.33 -6.24 7.42
C THR A 242 -20.52 -6.68 5.95
N ILE A 243 -21.72 -7.18 5.64
CA ILE A 243 -22.15 -7.52 4.29
C ILE A 243 -23.46 -6.76 4.07
N GLN A 244 -23.44 -5.80 3.15
CA GLN A 244 -24.51 -4.85 3.00
C GLN A 244 -25.10 -4.99 1.60
N LEU A 245 -26.41 -5.06 1.54
CA LEU A 245 -27.08 -5.31 0.27
C LEU A 245 -27.75 -4.04 -0.24
N ASP A 246 -27.30 -3.56 -1.38
CA ASP A 246 -27.61 -2.20 -1.82
C ASP A 246 -28.30 -2.17 -3.17
N PHE A 247 -29.58 -1.80 -3.15
CA PHE A 247 -30.38 -1.62 -4.35
C PHE A 247 -30.54 -0.15 -4.71
N GLN A 248 -30.14 0.73 -3.79
CA GLN A 248 -30.43 2.15 -3.94
C GLN A 248 -29.41 2.89 -4.78
N LEU A 249 -28.12 2.66 -4.50
CA LEU A 249 -27.08 3.32 -5.27
C LEU A 249 -27.15 3.04 -6.78
N PRO A 250 -27.51 1.80 -7.19
CA PRO A 250 -27.70 1.63 -8.63
C PRO A 250 -28.74 2.56 -9.26
N ILE A 251 -29.89 2.77 -8.60
CA ILE A 251 -30.91 3.74 -9.06
C ILE A 251 -30.29 5.16 -9.11
N ARG A 252 -29.81 5.63 -7.96
CA ARG A 252 -29.17 6.93 -7.81
C ARG A 252 -28.11 7.25 -8.89
N PHE A 253 -27.30 6.26 -9.24
CA PHE A 253 -26.26 6.45 -10.25
C PHE A 253 -26.66 6.08 -11.67
N ASN A 254 -27.92 5.67 -11.87
CA ASN A 254 -28.41 5.24 -13.19
C ASN A 254 -27.52 4.14 -13.80
N LEU A 255 -27.12 3.18 -12.96
CA LEU A 255 -26.24 2.10 -13.37
C LEU A 255 -27.07 0.99 -14.05
N THR A 256 -26.61 0.59 -15.23
CA THR A 256 -27.20 -0.52 -15.96
C THR A 256 -26.09 -1.42 -16.50
N TYR A 257 -26.46 -2.64 -16.92
CA TYR A 257 -25.56 -3.53 -17.68
C TYR A 257 -26.33 -4.19 -18.84
N VAL A 258 -25.63 -4.59 -19.89
CA VAL A 258 -26.26 -5.32 -21.00
C VAL A 258 -26.47 -6.80 -20.66
N SER A 259 -27.73 -7.21 -20.56
CA SER A 259 -28.06 -8.63 -20.38
C SER A 259 -28.19 -9.37 -21.72
N ASP A 264 -30.87 -6.21 -23.96
CA ASP A 264 -31.59 -5.32 -23.05
C ASP A 264 -30.71 -4.72 -21.90
N LYS A 265 -31.29 -3.96 -20.97
CA LYS A 265 -30.54 -3.13 -19.97
C LYS A 265 -31.10 -3.01 -18.52
N LYS A 266 -30.61 -3.88 -17.62
CA LYS A 266 -31.00 -4.00 -16.22
C LYS A 266 -30.04 -3.32 -15.20
N ARG A 267 -30.48 -3.23 -13.95
CA ARG A 267 -29.71 -2.64 -12.86
C ARG A 267 -28.81 -3.71 -12.23
N PRO A 268 -27.52 -3.38 -11.99
CA PRO A 268 -26.71 -4.21 -11.08
C PRO A 268 -27.15 -4.11 -9.62
N VAL A 269 -26.89 -5.16 -8.85
CA VAL A 269 -26.99 -5.14 -7.40
C VAL A 269 -25.59 -4.88 -6.81
N ILE A 270 -25.50 -4.04 -5.77
CA ILE A 270 -24.23 -3.83 -5.06
C ILE A 270 -24.21 -4.51 -3.69
N VAL A 271 -23.14 -5.27 -3.43
CA VAL A 271 -22.88 -5.79 -2.08
C VAL A 271 -21.68 -5.08 -1.52
N HIS A 272 -21.89 -4.32 -0.45
CA HIS A 272 -20.77 -3.70 0.22
C HIS A 272 -20.32 -4.72 1.21
N ARG A 273 -19.01 -4.78 1.44
CA ARG A 273 -18.44 -5.80 2.29
C ARG A 273 -17.07 -5.33 2.84
N ALA A 274 -16.83 -5.60 4.10
CA ALA A 274 -15.50 -5.49 4.68
C ALA A 274 -15.38 -6.61 5.68
N ILE A 275 -14.15 -7.06 5.93
CA ILE A 275 -13.97 -8.20 6.81
C ILE A 275 -13.19 -7.77 8.02
N LEU A 276 -12.05 -7.13 7.80
CA LEU A 276 -11.29 -6.60 8.91
C LEU A 276 -11.98 -5.41 9.54
N GLY A 277 -12.76 -4.67 8.75
CA GLY A 277 -13.40 -3.43 9.23
C GLY A 277 -12.52 -2.27 8.85
N SER A 278 -11.55 -1.93 9.70
CA SER A 278 -10.45 -1.07 9.30
C SER A 278 -9.16 -1.75 9.71
N VAL A 279 -8.09 -1.49 8.97
CA VAL A 279 -6.79 -2.00 9.38
C VAL A 279 -6.50 -1.45 10.78
N GLU A 280 -6.72 -0.14 10.98
CA GLU A 280 -6.62 0.45 12.31
C GLU A 280 -7.30 -0.39 13.41
N ARG A 281 -8.60 -0.66 13.27
CA ARG A 281 -9.37 -1.33 14.33
C ARG A 281 -8.85 -2.75 14.60
N MET A 282 -8.49 -3.44 13.52
CA MET A 282 -8.01 -4.80 13.66
C MET A 282 -6.66 -4.80 14.36
N ILE A 283 -5.86 -3.77 14.10
CA ILE A 283 -4.60 -3.63 14.80
C ILE A 283 -4.82 -3.45 16.31
N ALA A 284 -5.76 -2.60 16.70
CA ALA A 284 -6.03 -2.51 18.15
C ALA A 284 -6.42 -3.90 18.71
N ILE A 285 -7.35 -4.56 18.03
CA ILE A 285 -7.87 -5.85 18.48
C ILE A 285 -6.71 -6.85 18.59
N LEU A 286 -5.86 -6.93 17.57
CA LEU A 286 -4.76 -7.89 17.63
C LEU A 286 -3.70 -7.55 18.67
N THR A 287 -3.41 -6.28 18.86
CA THR A 287 -2.47 -5.86 19.90
C THR A 287 -2.94 -6.36 21.29
N GLU A 288 -4.22 -6.16 21.60
CA GLU A 288 -4.79 -6.63 22.87
C GLU A 288 -4.97 -8.14 22.93
N ASN A 289 -5.48 -8.73 21.85
CA ASN A 289 -5.79 -10.15 21.81
C ASN A 289 -4.63 -11.01 22.29
N TYR A 290 -3.43 -10.65 21.84
CA TYR A 290 -2.22 -11.43 22.11
C TYR A 290 -1.49 -10.97 23.38
N GLY A 291 -1.94 -9.85 23.92
CA GLY A 291 -1.22 -9.20 25.02
C GLY A 291 0.15 -8.71 24.57
N GLY A 292 0.32 -8.51 23.26
CA GLY A 292 1.60 -8.06 22.72
C GLY A 292 2.42 -9.17 22.09
N LYS A 293 1.97 -10.41 22.25
CA LYS A 293 2.70 -11.57 21.81
C LYS A 293 2.33 -11.96 20.37
N TRP A 294 2.92 -11.27 19.40
CA TRP A 294 2.58 -11.47 17.99
C TRP A 294 2.87 -12.85 17.50
N PRO A 295 1.91 -13.47 16.79
CA PRO A 295 2.27 -14.67 16.05
C PRO A 295 3.29 -14.33 14.96
N PHE A 296 4.04 -15.34 14.51
CA PHE A 296 5.26 -15.12 13.73
C PHE A 296 4.95 -14.32 12.47
N TRP A 297 3.95 -14.74 11.72
CA TRP A 297 3.58 -14.05 10.49
C TRP A 297 3.24 -12.58 10.67
N LEU A 298 2.78 -12.17 11.85
CA LEU A 298 2.46 -10.77 12.12
C LEU A 298 3.54 -9.98 12.88
N SER A 299 4.42 -10.71 13.57
CA SER A 299 5.48 -10.10 14.37
C SER A 299 6.48 -9.30 13.55
N PRO A 300 6.74 -8.04 13.96
CA PRO A 300 7.82 -7.25 13.32
C PRO A 300 9.16 -7.46 14.04
N ARG A 301 9.20 -8.45 14.93
CA ARG A 301 10.40 -8.82 15.68
C ARG A 301 10.42 -10.35 15.60
N GLN A 302 10.84 -10.84 14.45
CA GLN A 302 10.76 -12.27 14.21
C GLN A 302 12.01 -13.00 14.72
N VAL A 303 13.17 -12.42 14.49
CA VAL A 303 14.44 -13.01 14.89
C VAL A 303 15.36 -12.00 15.57
N MET A 304 15.93 -12.39 16.72
CA MET A 304 17.06 -11.68 17.31
C MET A 304 18.34 -12.55 17.31
N VAL A 305 19.38 -12.11 16.60
CA VAL A 305 20.66 -12.83 16.58
C VAL A 305 21.54 -12.27 17.70
N VAL A 306 22.11 -13.18 18.49
CA VAL A 306 22.93 -12.81 19.64
C VAL A 306 24.25 -13.59 19.64
N PRO A 307 25.39 -12.88 19.46
CA PRO A 307 26.67 -13.57 19.57
C PRO A 307 26.91 -13.94 21.04
N VAL A 308 27.78 -14.91 21.31
CA VAL A 308 28.08 -15.27 22.70
C VAL A 308 29.14 -14.32 23.30
N GLY A 309 30.13 -13.93 22.49
CA GLY A 309 31.03 -12.85 22.83
C GLY A 309 31.50 -12.11 21.59
N PRO A 310 32.39 -11.11 21.76
CA PRO A 310 32.83 -10.27 20.62
C PRO A 310 33.52 -11.00 19.47
N THR A 311 34.06 -12.19 19.73
CA THR A 311 34.71 -12.99 18.69
C THR A 311 33.71 -13.56 17.66
N CYS A 312 32.42 -13.52 18.02
CA CYS A 312 31.39 -14.05 17.15
C CYS A 312 30.51 -12.96 16.52
N ASP A 313 30.91 -11.69 16.67
CA ASP A 313 30.15 -10.53 16.12
C ASP A 313 29.98 -10.63 14.62
N GLU A 314 31.08 -10.75 13.89
CA GLU A 314 31.04 -10.91 12.43
C GLU A 314 30.17 -12.11 11.95
N TYR A 315 30.30 -13.28 12.58
CA TYR A 315 29.43 -14.42 12.26
C TYR A 315 27.94 -14.12 12.56
N ALA A 316 27.67 -13.50 13.71
CA ALA A 316 26.29 -13.11 14.01
C ALA A 316 25.72 -12.12 12.97
N GLN A 317 26.58 -11.24 12.49
CA GLN A 317 26.20 -10.30 11.45
C GLN A 317 25.78 -11.04 10.18
N LYS A 318 26.58 -12.04 9.81
CA LYS A 318 26.38 -12.79 8.59
C LYS A 318 25.09 -13.61 8.69
N VAL A 319 24.77 -14.08 9.89
CA VAL A 319 23.57 -14.89 10.08
C VAL A 319 22.34 -14.01 9.97
N ARG A 320 22.41 -12.83 10.57
CA ARG A 320 21.30 -11.91 10.62
C ARG A 320 21.01 -11.44 9.20
N GLN A 321 22.06 -11.15 8.45
CA GLN A 321 21.91 -10.79 7.06
C GLN A 321 21.23 -11.89 6.24
N GLN A 322 21.49 -13.17 6.52
CA GLN A 322 20.81 -14.27 5.80
C GLN A 322 19.30 -14.39 6.10
N PHE A 323 18.92 -14.17 7.35
CA PHE A 323 17.49 -14.13 7.71
C PHE A 323 16.79 -12.88 7.16
N HIS A 324 17.47 -11.74 7.24
CA HIS A 324 17.01 -10.53 6.60
C HIS A 324 16.76 -10.74 5.12
N ASP A 325 17.71 -11.39 4.42
CA ASP A 325 17.59 -11.59 2.98
C ASP A 325 16.50 -12.61 2.61
N ALA A 326 15.94 -13.31 3.62
CA ALA A 326 15.10 -14.49 3.35
C ALA A 326 13.57 -14.52 3.52
N LYS A 327 12.86 -13.51 4.00
CA LYS A 327 13.21 -12.16 4.32
C LYS A 327 12.43 -11.89 5.61
N PHE A 328 13.11 -12.00 6.72
CA PHE A 328 12.46 -11.91 8.00
C PHE A 328 12.81 -10.56 8.63
N MET A 329 11.99 -10.14 9.59
CA MET A 329 12.36 -9.04 10.43
C MET A 329 13.36 -9.57 11.47
N ALA A 330 14.64 -9.40 11.12
CA ALA A 330 15.82 -9.94 11.81
C ALA A 330 16.67 -8.79 12.38
N ASP A 331 16.84 -8.80 13.70
CA ASP A 331 17.73 -7.85 14.38
C ASP A 331 18.93 -8.55 15.01
N ILE A 332 19.80 -7.75 15.62
CA ILE A 332 21.04 -8.24 16.20
C ILE A 332 21.37 -7.39 17.44
N ASP A 333 21.98 -8.03 18.43
CA ASP A 333 22.33 -7.36 19.67
C ASP A 333 23.82 -7.59 19.91
N LEU A 334 24.62 -6.60 19.54
CA LEU A 334 26.09 -6.64 19.68
C LEU A 334 26.60 -6.03 20.99
N ASP A 335 25.77 -5.23 21.66
CA ASP A 335 26.09 -4.63 22.97
C ASP A 335 27.04 -5.50 23.82
N PRO A 336 28.30 -5.04 23.98
CA PRO A 336 29.28 -5.80 24.77
C PRO A 336 29.07 -5.75 26.29
N GLY A 337 28.23 -4.85 26.80
CA GLY A 337 27.99 -4.71 28.25
C GLY A 337 26.77 -5.40 28.83
N CYS A 338 26.25 -6.42 28.15
CA CYS A 338 25.14 -7.24 28.64
C CYS A 338 25.58 -8.67 28.50
N THR A 339 25.36 -9.48 29.53
CA THR A 339 25.61 -10.93 29.41
C THR A 339 24.68 -11.60 28.38
N LEU A 340 25.07 -12.80 27.96
CA LEU A 340 24.23 -13.63 27.08
C LEU A 340 22.81 -13.76 27.60
N ASN A 341 22.67 -14.10 28.88
CA ASN A 341 21.38 -14.23 29.56
C ASN A 341 20.56 -12.94 29.61
N LYS A 342 21.23 -11.81 29.78
CA LYS A 342 20.52 -10.51 29.70
C LYS A 342 19.99 -10.19 28.29
N LYS A 343 20.80 -10.40 27.25
CA LYS A 343 20.35 -10.20 25.86
C LYS A 343 19.16 -11.11 25.52
N ILE A 344 19.26 -12.38 25.89
CA ILE A 344 18.14 -13.31 25.69
C ILE A 344 16.89 -12.77 26.39
N ARG A 345 17.01 -12.48 27.69
CA ARG A 345 15.88 -11.98 28.45
C ARG A 345 15.28 -10.73 27.82
N ASN A 346 16.14 -9.78 27.46
CA ASN A 346 15.70 -8.56 26.79
C ASN A 346 14.90 -8.83 25.52
N ALA A 347 15.49 -9.60 24.59
CA ALA A 347 14.82 -9.97 23.35
C ALA A 347 13.44 -10.61 23.62
N GLN A 348 13.32 -11.39 24.67
CA GLN A 348 12.07 -12.09 24.95
C GLN A 348 11.03 -11.10 25.48
N LEU A 349 11.49 -10.10 26.23
CA LEU A 349 10.58 -9.10 26.81
C LEU A 349 10.15 -8.13 25.72
N ALA A 350 11.04 -7.89 24.75
CA ALA A 350 10.70 -7.14 23.56
C ALA A 350 9.79 -7.93 22.61
N GLN A 351 9.51 -9.21 22.97
CA GLN A 351 8.62 -10.08 22.16
C GLN A 351 9.16 -10.66 20.84
N TYR A 352 10.48 -10.83 20.70
CA TYR A 352 11.02 -11.55 19.53
C TYR A 352 10.51 -13.00 19.50
N ASN A 353 10.12 -13.52 18.33
CA ASN A 353 9.62 -14.92 18.29
C ASN A 353 10.70 -15.94 18.53
N PHE A 354 11.89 -15.70 17.99
CA PHE A 354 12.99 -16.63 18.11
C PHE A 354 14.26 -15.85 18.35
N ILE A 355 15.09 -16.33 19.27
CA ILE A 355 16.42 -15.77 19.50
C ILE A 355 17.44 -16.77 18.97
N LEU A 356 18.33 -16.30 18.12
CA LEU A 356 19.31 -17.18 17.53
C LEU A 356 20.65 -16.96 18.19
N VAL A 357 21.02 -17.89 19.04
CA VAL A 357 22.25 -17.79 19.79
C VAL A 357 23.41 -18.33 18.95
N VAL A 358 24.44 -17.52 18.87
CA VAL A 358 25.54 -17.86 18.00
C VAL A 358 26.86 -17.74 18.80
N GLY A 359 27.40 -18.91 19.18
CA GLY A 359 28.73 -19.01 19.77
C GLY A 359 29.77 -19.63 18.85
N GLU A 360 30.90 -20.02 19.43
CA GLU A 360 32.03 -20.54 18.68
C GLU A 360 31.75 -21.88 17.96
N LYS A 361 31.06 -22.79 18.64
CA LYS A 361 30.53 -24.01 18.03
C LYS A 361 29.69 -23.68 16.77
N GLU A 362 28.76 -22.75 16.93
CA GLU A 362 27.82 -22.37 15.87
C GLU A 362 28.55 -21.77 14.66
N LYS A 363 29.55 -20.93 14.94
CA LYS A 363 30.33 -20.25 13.90
C LYS A 363 31.09 -21.26 13.06
N ILE A 364 31.68 -22.25 13.73
CA ILE A 364 32.45 -23.27 13.06
C ILE A 364 31.53 -24.13 12.19
N SER A 365 30.34 -24.44 12.73
CA SER A 365 29.39 -25.36 12.08
C SER A 365 28.40 -24.74 11.09
N GLY A 366 28.30 -23.40 11.05
CA GLY A 366 27.33 -22.75 10.16
C GLY A 366 25.91 -23.04 10.63
N THR A 367 25.75 -23.15 11.94
CA THR A 367 24.46 -23.38 12.58
C THR A 367 24.03 -22.20 13.46
N VAL A 368 22.87 -22.38 14.11
CA VAL A 368 22.33 -21.47 15.12
C VAL A 368 21.78 -22.30 16.27
N ASN A 369 21.83 -21.75 17.46
CA ASN A 369 21.24 -22.37 18.61
C ASN A 369 20.01 -21.58 19.02
N ILE A 370 18.82 -22.18 18.92
CA ILE A 370 17.61 -21.38 19.05
C ILE A 370 16.85 -21.49 20.36
N ARG A 371 16.53 -20.31 20.90
CA ARG A 371 15.72 -20.18 22.09
C ARG A 371 14.41 -19.51 21.69
N THR A 372 13.26 -20.06 22.09
CA THR A 372 11.96 -19.48 21.76
C THR A 372 11.66 -18.26 22.62
N ARG A 373 10.67 -17.47 22.20
CA ARG A 373 10.14 -16.35 23.00
C ARG A 373 9.82 -16.73 24.46
N ASP A 374 9.19 -17.89 24.66
CA ASP A 374 8.75 -18.37 25.97
C ASP A 374 9.82 -19.21 26.66
N ASN A 375 11.06 -19.08 26.17
CA ASN A 375 12.29 -19.65 26.76
C ASN A 375 12.39 -21.16 26.74
N LYS A 376 12.22 -21.73 25.57
CA LYS A 376 12.42 -23.16 25.41
C LYS A 376 13.57 -23.34 24.46
N VAL A 377 14.36 -24.37 24.68
CA VAL A 377 15.46 -24.62 23.76
C VAL A 377 14.98 -25.44 22.57
N HIS A 378 15.44 -25.10 21.38
CA HIS A 378 15.18 -25.90 20.20
C HIS A 378 16.41 -26.51 19.64
N GLY A 379 17.54 -26.28 20.28
CA GLY A 379 18.77 -26.94 19.88
C GLY A 379 19.51 -26.24 18.77
N GLU A 380 20.64 -26.84 18.43
CA GLU A 380 21.41 -26.50 17.24
C GLU A 380 20.68 -26.89 15.98
N ARG A 381 20.65 -25.98 15.02
CA ARG A 381 19.98 -26.22 13.72
C ARG A 381 20.80 -25.53 12.65
N THR A 382 20.77 -26.09 11.44
CA THR A 382 21.42 -25.45 10.31
C THR A 382 20.62 -24.18 9.97
N ILE A 383 21.29 -23.20 9.39
CA ILE A 383 20.65 -21.97 8.96
C ILE A 383 19.50 -22.34 8.02
N SER A 384 19.78 -23.19 7.03
CA SER A 384 18.81 -23.38 5.98
C SER A 384 17.58 -24.15 6.45
N GLU A 385 17.73 -25.09 7.38
CA GLU A 385 16.55 -25.72 7.96
C GLU A 385 15.73 -24.78 8.88
N THR A 386 16.41 -23.89 9.60
CA THR A 386 15.73 -22.89 10.41
C THR A 386 14.97 -21.92 9.49
N ILE A 387 15.60 -21.52 8.40
CA ILE A 387 14.94 -20.68 7.41
C ILE A 387 13.70 -21.34 6.84
N GLU A 388 13.79 -22.62 6.45
CA GLU A 388 12.65 -23.32 5.90
C GLU A 388 11.49 -23.37 6.87
N ARG A 389 11.78 -23.76 8.11
CA ARG A 389 10.79 -23.81 9.18
C ARG A 389 10.07 -22.47 9.27
N LEU A 390 10.85 -21.39 9.41
CA LEU A 390 10.24 -20.10 9.65
C LEU A 390 9.42 -19.62 8.45
N GLN A 391 9.81 -20.07 7.24
CA GLN A 391 8.99 -19.84 6.04
C GLN A 391 7.66 -20.54 6.12
N GLN A 392 7.65 -21.77 6.62
CA GLN A 392 6.41 -22.49 6.80
C GLN A 392 5.51 -21.70 7.75
N LEU A 393 6.09 -21.25 8.86
CA LEU A 393 5.33 -20.55 9.88
C LEU A 393 4.74 -19.29 9.31
N LYS A 394 5.46 -18.67 8.39
CA LYS A 394 5.01 -17.42 7.83
C LYS A 394 3.98 -17.63 6.73
N GLU A 395 4.25 -18.59 5.86
CA GLU A 395 3.43 -18.79 4.68
C GLU A 395 2.02 -19.25 5.09
N PHE A 396 1.95 -20.12 6.08
CA PHE A 396 0.71 -20.73 6.50
C PHE A 396 0.08 -19.96 7.65
N ARG A 397 0.67 -18.80 7.98
CA ARG A 397 0.14 -17.91 9.01
C ARG A 397 -0.17 -18.62 10.35
N SER A 398 0.74 -19.51 10.76
CA SER A 398 0.56 -20.37 11.92
C SER A 398 0.34 -19.63 13.25
N LYS A 399 -0.63 -20.09 14.05
CA LYS A 399 -0.83 -19.58 15.41
C LYS A 399 0.10 -20.25 16.45
N GLN A 400 -0.49 -20.77 17.53
CA GLN A 400 0.24 -21.42 18.62
C GLN A 400 0.23 -22.96 18.56
N ALA A 401 0.53 -23.52 17.39
CA ALA A 401 0.59 -24.97 17.19
C ALA A 401 1.56 -25.31 16.06
N ARG B 3 3.57 9.12 -27.17
CA ARG B 3 2.30 9.81 -27.51
C ARG B 3 1.59 10.39 -26.25
N ASP B 4 0.31 10.04 -26.01
CA ASP B 4 -0.48 10.67 -24.93
C ASP B 4 -0.98 9.70 -23.86
N HIS B 5 -0.48 9.84 -22.62
CA HIS B 5 -0.79 8.89 -21.55
C HIS B 5 -2.25 8.80 -21.25
N ARG B 6 -2.93 9.93 -21.28
CA ARG B 6 -4.39 9.96 -21.09
C ARG B 6 -5.10 9.04 -22.09
N LYS B 7 -4.71 9.11 -23.35
CA LYS B 7 -5.37 8.31 -24.40
C LYS B 7 -5.05 6.81 -24.22
N ILE B 8 -3.77 6.47 -24.10
CA ILE B 8 -3.30 5.10 -23.91
C ILE B 8 -3.86 4.47 -22.63
N GLY B 9 -3.88 5.25 -21.55
CA GLY B 9 -4.44 4.80 -20.26
C GLY B 9 -5.92 4.50 -20.39
N ARG B 10 -6.66 5.38 -21.07
CA ARG B 10 -8.04 5.09 -21.43
C ARG B 10 -8.17 3.81 -22.30
N ASP B 11 -7.45 3.75 -23.42
CA ASP B 11 -7.61 2.62 -24.36
C ASP B 11 -7.23 1.27 -23.78
N GLN B 12 -6.15 1.27 -23.00
CA GLN B 12 -5.72 0.03 -22.36
C GLN B 12 -6.50 -0.30 -21.07
N GLU B 13 -7.54 0.46 -20.78
CA GLU B 13 -8.30 0.34 -19.52
C GLU B 13 -7.42 0.33 -18.27
N LEU B 14 -6.49 1.27 -18.21
CA LEU B 14 -5.63 1.49 -17.05
C LEU B 14 -6.23 2.49 -16.08
N TYR B 15 -6.58 3.68 -16.58
CA TYR B 15 -7.05 4.76 -15.71
C TYR B 15 -7.89 5.73 -16.47
N PHE B 16 -8.71 6.50 -15.77
CA PHE B 16 -9.44 7.58 -16.42
C PHE B 16 -9.59 8.72 -15.46
N PHE B 17 -10.13 9.83 -15.97
CA PHE B 17 -10.27 11.07 -15.22
C PHE B 17 -11.72 11.47 -15.31
N HIS B 18 -12.25 12.02 -14.20
CA HIS B 18 -13.64 12.44 -14.09
C HIS B 18 -13.73 13.84 -13.53
N GLU B 19 -14.70 14.61 -14.05
CA GLU B 19 -14.84 16.02 -13.70
C GLU B 19 -15.16 16.25 -12.23
N LEU B 20 -15.79 15.28 -11.59
CA LEU B 20 -16.16 15.35 -10.17
C LEU B 20 -14.96 15.22 -9.24
N SER B 21 -13.78 14.97 -9.82
CA SER B 21 -12.55 14.94 -9.05
C SER B 21 -11.34 15.38 -9.86
N PRO B 22 -11.30 16.66 -10.25
CA PRO B 22 -10.22 17.08 -11.14
C PRO B 22 -8.89 17.09 -10.43
N GLY B 23 -7.85 16.64 -11.12
CA GLY B 23 -6.50 16.59 -10.56
C GLY B 23 -6.23 15.34 -9.74
N SER B 24 -7.16 14.40 -9.80
CA SER B 24 -7.05 13.09 -9.15
C SER B 24 -7.28 12.03 -10.20
N CYS B 25 -7.00 10.78 -9.89
CA CYS B 25 -7.13 9.75 -10.93
C CYS B 25 -7.89 8.52 -10.42
N PHE B 26 -8.68 7.90 -11.30
CA PHE B 26 -9.33 6.61 -11.06
C PHE B 26 -8.55 5.50 -11.78
N PHE B 27 -7.89 4.67 -11.00
CA PHE B 27 -7.03 3.62 -11.52
C PHE B 27 -7.84 2.33 -11.56
N LEU B 28 -8.13 1.88 -12.77
CA LEU B 28 -8.87 0.65 -12.99
C LEU B 28 -7.97 -0.57 -12.62
N PRO B 29 -8.54 -1.79 -12.53
CA PRO B 29 -7.73 -2.89 -12.02
C PRO B 29 -6.39 -3.00 -12.71
N LYS B 30 -6.36 -2.90 -14.04
CA LYS B 30 -5.09 -3.02 -14.73
C LYS B 30 -4.11 -1.86 -14.39
N GLY B 31 -4.65 -0.66 -14.17
CA GLY B 31 -3.84 0.51 -13.78
C GLY B 31 -3.32 0.43 -12.35
N ALA B 32 -4.15 -0.12 -11.45
CA ALA B 32 -3.78 -0.25 -10.05
C ALA B 32 -2.66 -1.28 -9.89
N TYR B 33 -2.68 -2.31 -10.75
CA TYR B 33 -1.59 -3.28 -10.81
C TYR B 33 -0.26 -2.58 -11.08
N ILE B 34 -0.22 -1.66 -12.05
CA ILE B 34 1.02 -0.93 -12.37
C ILE B 34 1.44 -0.04 -11.18
N TYR B 35 0.44 0.61 -10.57
CA TYR B 35 0.65 1.48 -9.44
C TYR B 35 1.31 0.67 -8.29
N ASN B 36 0.71 -0.48 -7.96
CA ASN B 36 1.26 -1.32 -6.91
C ASN B 36 2.59 -1.97 -7.24
N ALA B 37 2.84 -2.26 -8.51
CA ALA B 37 4.10 -2.90 -8.85
C ALA B 37 5.27 -1.88 -8.67
N LEU B 38 4.97 -0.63 -8.96
CA LEU B 38 5.96 0.41 -8.80
C LEU B 38 6.31 0.59 -7.32
N ILE B 39 5.30 0.52 -6.46
CA ILE B 39 5.52 0.59 -5.03
C ILE B 39 6.32 -0.63 -4.55
N GLU B 40 5.89 -1.84 -4.92
CA GLU B 40 6.63 -3.04 -4.55
C GLU B 40 8.11 -2.93 -4.98
N PHE B 41 8.35 -2.34 -6.15
CA PHE B 41 9.72 -2.20 -6.66
C PHE B 41 10.56 -1.33 -5.73
N ILE B 42 10.04 -0.14 -5.45
CA ILE B 42 10.67 0.70 -4.45
C ILE B 42 10.88 0.01 -3.09
N ARG B 43 9.84 -0.66 -2.55
CA ARG B 43 9.93 -1.33 -1.22
C ARG B 43 11.04 -2.37 -1.22
N SER B 44 11.21 -3.05 -2.36
CA SER B 44 12.19 -4.10 -2.38
C SER B 44 13.62 -3.51 -2.31
N GLU B 45 13.85 -2.38 -2.97
CA GLU B 45 15.09 -1.61 -2.77
C GLU B 45 15.27 -1.08 -1.35
N TYR B 46 14.21 -0.54 -0.76
CA TYR B 46 14.26 -0.08 0.64
C TYR B 46 14.81 -1.16 1.59
N ARG B 47 14.40 -2.40 1.35
CA ARG B 47 14.76 -3.53 2.17
C ARG B 47 16.25 -3.89 2.07
N LYS B 48 16.95 -3.48 1.01
CA LYS B 48 18.39 -3.71 0.91
C LYS B 48 19.17 -2.45 1.29
N ARG B 49 18.50 -1.35 1.60
CA ARG B 49 19.21 -0.09 1.81
C ARG B 49 18.94 0.59 3.15
N GLY B 50 18.30 -0.09 4.08
CA GLY B 50 18.08 0.48 5.42
C GLY B 50 17.05 1.60 5.42
N PHE B 51 16.07 1.52 4.53
CA PHE B 51 14.92 2.45 4.61
C PHE B 51 13.76 1.73 5.27
N GLN B 52 13.06 2.40 6.14
CA GLN B 52 12.03 1.76 6.94
C GLN B 52 10.71 2.46 6.67
N GLU B 53 9.71 1.75 6.16
CA GLU B 53 8.42 2.40 5.86
C GLU B 53 7.62 2.78 7.11
N VAL B 54 6.94 3.92 7.08
CA VAL B 54 6.03 4.35 8.15
C VAL B 54 4.68 4.75 7.58
N VAL B 55 3.69 4.91 8.46
CA VAL B 55 2.37 5.38 8.02
C VAL B 55 2.02 6.59 8.88
N THR B 56 1.57 7.66 8.23
CA THR B 56 1.33 8.91 8.92
C THR B 56 -0.08 9.40 8.63
N PRO B 57 -0.54 10.42 9.39
CA PRO B 57 -1.86 11.02 9.16
C PRO B 57 -1.86 11.77 7.84
N ASN B 58 -3.06 12.02 7.32
CA ASN B 58 -3.20 12.92 6.17
C ASN B 58 -3.60 14.34 6.58
N ILE B 59 -4.19 14.46 7.76
CA ILE B 59 -4.76 15.73 8.19
C ILE B 59 -4.12 16.20 9.49
N PHE B 60 -3.63 17.44 9.48
CA PHE B 60 -2.96 18.06 10.62
C PHE B 60 -3.41 19.47 10.94
N ASN B 61 -3.37 19.80 12.24
CA ASN B 61 -3.70 21.13 12.76
C ASN B 61 -2.78 22.14 12.10
N SER B 62 -3.32 23.33 11.82
CA SER B 62 -2.53 24.36 11.18
C SER B 62 -1.27 24.66 11.99
N ARG B 63 -1.32 24.43 13.29
CA ARG B 63 -0.15 24.79 14.08
C ARG B 63 1.17 24.06 13.65
N LEU B 64 1.01 22.81 13.18
CA LEU B 64 2.11 22.01 12.62
C LEU B 64 2.73 22.75 11.47
N TRP B 65 1.88 23.22 10.55
CA TRP B 65 2.36 23.92 9.37
C TRP B 65 3.00 25.22 9.73
N MET B 66 2.50 25.86 10.78
CA MET B 66 3.16 27.07 11.29
C MET B 66 4.56 26.69 11.77
N THR B 67 4.65 25.68 12.65
CA THR B 67 5.94 25.23 13.17
C THR B 67 6.95 24.95 12.04
N SER B 68 6.52 24.23 11.02
CA SER B 68 7.40 23.85 9.92
C SER B 68 7.68 24.97 8.90
N GLY B 69 6.94 26.05 9.01
CA GLY B 69 7.10 27.16 8.08
C GLY B 69 6.43 26.91 6.75
N HIS B 70 5.60 25.86 6.67
CA HIS B 70 4.79 25.57 5.50
C HIS B 70 3.67 26.58 5.35
N TRP B 71 3.06 26.92 6.48
CA TRP B 71 1.98 27.89 6.53
C TRP B 71 2.37 29.22 5.96
N GLN B 72 3.58 29.67 6.28
CA GLN B 72 4.08 30.94 5.81
C GLN B 72 4.45 30.93 4.33
N HIS B 73 5.06 29.84 3.86
CA HIS B 73 5.72 29.78 2.55
C HIS B 73 4.95 29.02 1.52
N TYR B 74 3.94 28.29 1.95
CA TYR B 74 3.32 27.25 1.12
C TYR B 74 1.79 27.21 1.22
N SER B 75 1.23 28.17 1.96
CA SER B 75 -0.23 28.27 2.19
C SER B 75 -1.07 28.40 0.91
N GLU B 76 -0.51 29.03 -0.12
CA GLU B 76 -1.17 29.12 -1.44
C GLU B 76 -1.61 27.72 -1.91
N ASN B 77 -0.77 26.72 -1.63
CA ASN B 77 -0.95 25.40 -2.17
C ASN B 77 -1.62 24.34 -1.29
N MET B 78 -2.34 24.73 -0.24
CA MET B 78 -2.94 23.71 0.65
C MET B 78 -4.45 23.76 0.77
N PHE B 79 -5.06 22.60 0.97
CA PHE B 79 -6.48 22.50 1.23
C PHE B 79 -6.77 22.57 2.73
N SER B 80 -7.26 23.71 3.18
CA SER B 80 -7.61 23.90 4.61
C SER B 80 -9.12 23.92 4.89
N PHE B 81 -9.52 23.41 6.05
CA PHE B 81 -10.91 23.46 6.54
C PHE B 81 -10.88 23.54 8.06
N GLU B 82 -12.04 23.70 8.70
CA GLU B 82 -12.13 23.85 10.17
C GLU B 82 -12.76 22.67 10.88
N VAL B 83 -12.29 22.36 12.08
CA VAL B 83 -12.82 21.26 12.89
C VAL B 83 -12.91 21.62 14.38
N GLU B 84 -14.13 21.67 14.91
CA GLU B 84 -14.33 22.18 16.28
C GLU B 84 -13.51 23.48 16.50
N LYS B 85 -13.76 24.46 15.62
CA LYS B 85 -13.17 25.82 15.71
C LYS B 85 -11.63 25.89 15.63
N GLU B 86 -11.01 24.84 15.10
CA GLU B 86 -9.56 24.88 14.81
C GLU B 86 -9.24 24.59 13.35
N LEU B 87 -8.25 25.31 12.81
CA LEU B 87 -7.93 25.15 11.40
C LEU B 87 -7.06 23.90 11.15
N PHE B 88 -7.48 23.11 10.16
CA PHE B 88 -6.77 21.90 9.76
C PHE B 88 -6.48 21.96 8.27
N ALA B 89 -5.50 21.18 7.83
CA ALA B 89 -5.13 21.12 6.44
C ALA B 89 -4.56 19.75 6.08
N LEU B 90 -4.96 19.29 4.90
CA LEU B 90 -4.42 18.14 4.24
C LEU B 90 -2.92 18.35 3.97
N LYS B 91 -2.13 17.34 4.30
CA LYS B 91 -0.68 17.39 4.10
C LYS B 91 -0.31 17.47 2.61
N PRO B 92 0.56 18.43 2.27
CA PRO B 92 1.20 18.53 0.93
C PRO B 92 2.57 17.85 0.87
N MET B 93 3.12 17.52 2.04
CA MET B 93 4.44 16.91 2.18
C MET B 93 4.38 16.10 3.45
N ASN B 94 5.25 15.08 3.54
CA ASN B 94 5.29 14.14 4.66
C ASN B 94 6.26 14.56 5.76
N CYS B 95 7.14 15.53 5.46
CA CYS B 95 8.27 15.85 6.37
C CYS B 95 7.84 16.19 7.78
N PRO B 96 6.88 17.14 7.92
CA PRO B 96 6.55 17.60 9.26
C PRO B 96 6.05 16.44 10.10
N GLY B 97 5.29 15.54 9.49
CA GLY B 97 4.86 14.35 10.22
C GLY B 97 6.08 13.57 10.70
N HIS B 98 7.03 13.37 9.78
CA HIS B 98 8.24 12.62 10.08
C HIS B 98 9.04 13.23 11.17
N CYS B 99 9.09 14.57 11.22
CA CYS B 99 9.77 15.28 12.31
C CYS B 99 9.15 14.96 13.68
N LEU B 100 7.83 14.96 13.76
CA LEU B 100 7.14 14.51 14.98
C LEU B 100 7.52 13.08 15.35
N MET B 101 7.81 12.27 14.34
CA MET B 101 8.15 10.90 14.57
C MET B 101 9.56 10.81 15.13
N PHE B 102 10.49 11.59 14.56
CA PHE B 102 11.85 11.61 15.08
C PHE B 102 11.85 12.06 16.53
N ASP B 103 11.01 13.05 16.80
CA ASP B 103 10.94 13.73 18.09
C ASP B 103 10.09 13.02 19.15
N HIS B 104 9.43 11.93 18.77
CA HIS B 104 8.51 11.21 19.66
C HIS B 104 9.14 10.68 20.94
N ARG B 105 10.40 10.22 20.85
CA ARG B 105 11.17 9.74 22.01
C ARG B 105 12.65 10.15 21.88
N PRO B 106 13.42 10.10 22.97
CA PRO B 106 14.83 10.51 22.78
C PRO B 106 15.56 9.61 21.78
N ARG B 107 16.37 10.20 20.91
CA ARG B 107 17.17 9.47 19.92
C ARG B 107 18.67 9.40 20.26
N SER B 108 19.30 8.29 19.88
CA SER B 108 20.75 8.10 20.09
C SER B 108 21.50 8.20 18.75
N TRP B 109 22.77 8.62 18.76
CA TRP B 109 23.60 8.64 17.55
C TRP B 109 23.62 7.27 16.90
N ARG B 110 23.45 6.24 17.72
CA ARG B 110 23.51 4.85 17.26
C ARG B 110 22.40 4.45 16.27
N GLU B 111 21.33 5.23 16.23
CA GLU B 111 20.24 5.01 15.29
C GLU B 111 20.52 5.68 13.95
N LEU B 112 21.60 6.45 13.86
CA LEU B 112 21.79 7.28 12.66
C LEU B 112 22.65 6.56 11.62
N PRO B 113 22.33 6.71 10.32
CA PRO B 113 21.15 7.43 9.77
C PRO B 113 19.84 6.65 9.95
N LEU B 114 18.77 7.37 10.31
CA LEU B 114 17.40 6.86 10.42
C LEU B 114 16.70 7.27 9.14
N ARG B 115 16.23 6.30 8.37
CA ARG B 115 15.67 6.60 7.06
C ARG B 115 14.19 6.24 7.04
N LEU B 116 13.33 7.26 7.09
CA LEU B 116 11.89 7.01 7.18
C LEU B 116 11.17 7.19 5.85
N ALA B 117 10.57 6.13 5.34
CA ALA B 117 9.90 6.15 4.03
C ALA B 117 8.38 6.18 4.14
N ASP B 118 7.74 6.82 3.17
CA ASP B 118 6.30 7.03 3.32
C ASP B 118 5.66 7.14 1.94
N PHE B 119 4.66 6.30 1.69
CA PHE B 119 3.93 6.38 0.42
C PHE B 119 2.60 7.12 0.60
N GLY B 120 2.50 7.93 1.66
CA GLY B 120 1.22 8.54 2.03
C GLY B 120 0.68 9.48 0.97
N VAL B 121 -0.64 9.68 0.94
CA VAL B 121 -1.21 10.54 -0.10
C VAL B 121 -1.17 12.00 0.26
N LEU B 122 -0.63 12.78 -0.69
CA LEU B 122 -0.42 14.20 -0.55
C LEU B 122 -1.39 14.97 -1.41
N HIS B 123 -1.70 16.21 -0.99
CA HIS B 123 -2.62 17.06 -1.73
C HIS B 123 -2.07 18.45 -1.86
N ARG B 124 -1.96 18.92 -3.10
CA ARG B 124 -1.54 20.27 -3.40
C ARG B 124 -2.59 20.92 -4.28
N ASN B 125 -3.04 22.10 -3.88
CA ASN B 125 -4.09 22.85 -4.57
C ASN B 125 -3.63 23.57 -5.85
N GLU B 126 -3.33 22.82 -6.91
CA GLU B 126 -3.01 23.47 -8.19
C GLU B 126 -4.29 24.08 -8.78
N LEU B 127 -4.13 25.12 -9.59
CA LEU B 127 -5.25 25.81 -10.27
C LEU B 127 -5.98 24.88 -11.27
N SER B 128 -7.31 24.97 -11.28
CA SER B 128 -8.19 24.27 -12.24
C SER B 128 -7.53 24.09 -13.61
N GLY B 129 -7.23 25.23 -14.24
CA GLY B 129 -6.84 25.29 -15.65
C GLY B 129 -5.41 24.87 -15.94
N ALA B 130 -4.64 24.59 -14.89
CA ALA B 130 -3.28 24.09 -15.04
C ALA B 130 -3.21 22.53 -14.95
N LEU B 131 -4.26 21.92 -14.42
CA LEU B 131 -4.34 20.46 -14.24
C LEU B 131 -4.38 19.69 -15.55
N THR B 132 -3.59 18.64 -15.63
CA THR B 132 -3.52 17.82 -16.82
C THR B 132 -3.05 16.41 -16.48
N GLY B 133 -3.91 15.44 -16.81
CA GLY B 133 -3.60 14.01 -16.75
C GLY B 133 -3.00 13.61 -15.42
N LEU B 134 -1.94 12.83 -15.52
CA LEU B 134 -1.17 12.42 -14.36
C LEU B 134 0.06 13.31 -14.13
N THR B 135 0.20 14.34 -14.97
CA THR B 135 1.38 15.21 -15.02
C THR B 135 1.32 16.43 -14.08
N ARG B 136 0.16 17.05 -13.99
CA ARG B 136 -0.05 18.12 -13.04
C ARG B 136 -1.36 17.87 -12.32
N VAL B 137 -1.28 17.66 -11.00
CA VAL B 137 -2.34 17.01 -10.27
C VAL B 137 -2.61 17.66 -8.91
N ARG B 138 -3.65 17.19 -8.26
CA ARG B 138 -3.90 17.61 -6.90
C ARG B 138 -3.57 16.51 -5.88
N ARG B 139 -3.72 15.25 -6.30
CA ARG B 139 -3.48 14.12 -5.47
C ARG B 139 -2.39 13.26 -6.05
N PHE B 140 -1.43 12.89 -5.20
CA PHE B 140 -0.36 12.00 -5.59
C PHE B 140 0.27 11.31 -4.38
N GLN B 141 0.98 10.22 -4.64
CA GLN B 141 1.81 9.59 -3.63
C GLN B 141 3.24 9.63 -4.13
N GLN B 142 4.17 10.14 -3.32
CA GLN B 142 5.60 10.10 -3.65
C GLN B 142 6.20 8.86 -3.09
N ASP B 143 7.28 8.38 -3.73
CA ASP B 143 8.17 7.44 -3.05
C ASP B 143 9.05 8.25 -2.13
N ASP B 144 8.43 8.81 -1.10
CA ASP B 144 9.11 9.79 -0.23
C ASP B 144 9.92 9.11 0.87
N ALA B 145 11.04 9.72 1.24
CA ALA B 145 11.75 9.38 2.47
C ALA B 145 12.52 10.56 3.06
N HIS B 146 12.64 10.58 4.37
CA HIS B 146 13.51 11.53 5.01
C HIS B 146 14.58 10.81 5.79
N ILE B 147 15.83 11.21 5.54
CA ILE B 147 17.00 10.69 6.18
C ILE B 147 17.39 11.65 7.29
N PHE B 148 17.42 11.15 8.53
CA PHE B 148 17.88 11.91 9.67
C PHE B 148 19.26 11.41 10.01
N CYS B 149 20.26 12.27 9.85
CA CYS B 149 21.63 11.87 10.05
C CYS B 149 22.51 12.94 10.68
N ALA B 150 23.70 12.50 11.09
CA ALA B 150 24.74 13.35 11.64
C ALA B 150 25.48 14.08 10.52
N MET B 151 26.06 15.21 10.88
CA MET B 151 26.89 16.02 10.00
C MET B 151 27.91 15.19 9.23
N GLU B 152 28.58 14.27 9.92
CA GLU B 152 29.63 13.46 9.27
C GLU B 152 29.09 12.41 8.29
N GLN B 153 27.81 12.10 8.38
CA GLN B 153 27.19 11.11 7.51
C GLN B 153 26.64 11.67 6.18
N ILE B 154 26.60 13.00 6.06
CA ILE B 154 25.97 13.67 4.95
C ILE B 154 26.58 13.22 3.64
N GLU B 155 27.91 13.20 3.60
CA GLU B 155 28.62 12.89 2.37
C GLU B 155 28.26 11.49 1.89
N ASP B 156 28.30 10.53 2.80
CA ASP B 156 28.02 9.17 2.41
C ASP B 156 26.56 8.99 2.03
N GLU B 157 25.66 9.67 2.73
CA GLU B 157 24.22 9.52 2.43
C GLU B 157 23.82 10.10 1.09
N ILE B 158 24.31 11.28 0.77
CA ILE B 158 24.11 11.84 -0.55
C ILE B 158 24.67 10.90 -1.63
N LYS B 159 25.86 10.35 -1.41
CA LYS B 159 26.40 9.37 -2.38
C LYS B 159 25.42 8.23 -2.49
N GLY B 160 24.92 7.80 -1.34
CA GLY B 160 23.95 6.72 -1.29
C GLY B 160 22.73 7.02 -2.16
N CYS B 161 22.19 8.24 -2.07
CA CYS B 161 21.01 8.66 -2.85
C CYS B 161 21.21 8.62 -4.36
N LEU B 162 22.38 9.07 -4.79
CA LEU B 162 22.71 9.09 -6.20
C LEU B 162 22.85 7.68 -6.74
N ASP B 163 23.51 6.82 -5.97
CA ASP B 163 23.64 5.42 -6.37
C ASP B 163 22.29 4.69 -6.45
N PHE B 164 21.46 4.85 -5.41
CA PHE B 164 20.08 4.34 -5.38
C PHE B 164 19.36 4.83 -6.65
N LEU B 165 19.43 6.12 -6.93
CA LEU B 165 18.76 6.70 -8.09
C LEU B 165 19.30 6.09 -9.40
N ARG B 166 20.61 5.90 -9.48
CA ARG B 166 21.12 5.27 -10.69
C ARG B 166 20.58 3.84 -10.83
N THR B 167 20.63 3.04 -9.77
CA THR B 167 20.14 1.68 -9.95
C THR B 167 18.66 1.61 -10.30
N VAL B 168 17.84 2.45 -9.65
CA VAL B 168 16.41 2.52 -9.98
C VAL B 168 16.16 2.82 -11.46
N TYR B 169 16.69 3.93 -11.97
CA TYR B 169 16.45 4.29 -13.36
C TYR B 169 17.08 3.34 -14.37
N SER B 170 18.12 2.64 -13.98
CA SER B 170 18.70 1.61 -14.84
C SER B 170 17.80 0.35 -15.04
N VAL B 171 16.86 0.09 -14.11
CA VAL B 171 15.90 -0.99 -14.30
C VAL B 171 14.92 -0.59 -15.42
N PHE B 172 14.51 0.67 -15.45
CA PHE B 172 13.73 1.16 -16.58
C PHE B 172 14.57 1.29 -17.85
N GLY B 173 15.88 1.51 -17.71
CA GLY B 173 16.72 1.72 -18.89
C GLY B 173 16.89 3.21 -19.16
N PHE B 174 16.75 4.04 -18.11
CA PHE B 174 16.81 5.50 -18.26
C PHE B 174 18.17 6.08 -17.84
N SER B 175 18.64 7.07 -18.59
CA SER B 175 19.75 7.91 -18.16
C SER B 175 19.18 9.16 -17.44
N PHE B 176 20.04 10.06 -17.00
CA PHE B 176 19.56 11.21 -16.23
C PHE B 176 20.56 12.36 -16.27
N LYS B 177 20.11 13.57 -15.97
CA LYS B 177 21.05 14.68 -15.81
C LYS B 177 20.83 15.42 -14.50
N LEU B 178 21.89 16.02 -13.99
CA LEU B 178 21.92 16.63 -12.67
C LEU B 178 21.91 18.15 -12.68
N ASN B 179 21.22 18.71 -11.67
CA ASN B 179 21.08 20.15 -11.50
C ASN B 179 21.20 20.51 -10.03
N LEU B 180 21.75 21.69 -9.76
CA LEU B 180 21.88 22.20 -8.41
C LEU B 180 20.97 23.41 -8.25
N SER B 181 20.04 23.31 -7.31
CA SER B 181 19.05 24.35 -7.07
C SER B 181 19.36 25.14 -5.81
N THR B 182 19.39 26.46 -5.99
CA THR B 182 19.95 27.44 -5.08
C THR B 182 18.85 28.08 -4.23
N ARG B 183 19.21 28.75 -3.14
CA ARG B 183 18.23 29.47 -2.28
C ARG B 183 17.24 30.31 -3.10
N PRO B 184 15.92 30.08 -2.90
CA PRO B 184 14.92 30.91 -3.57
C PRO B 184 14.77 32.23 -2.82
N GLU B 185 13.86 33.09 -3.26
CA GLU B 185 13.38 34.10 -2.34
C GLU B 185 12.13 33.52 -1.71
N LYS B 186 11.87 33.91 -0.47
CA LYS B 186 11.03 33.11 0.44
C LYS B 186 11.86 31.90 0.91
N PHE B 187 12.87 32.20 1.72
CA PHE B 187 13.66 31.14 2.35
C PHE B 187 13.59 31.21 3.87
N LEU B 188 13.99 30.12 4.49
CA LEU B 188 13.90 29.96 5.92
C LEU B 188 15.31 29.96 6.53
N GLY B 189 15.43 30.56 7.71
CA GLY B 189 16.69 30.60 8.44
C GLY B 189 17.80 31.46 7.87
N ASP B 190 19.03 31.06 8.18
CA ASP B 190 20.22 31.86 7.95
C ASP B 190 20.86 31.68 6.61
N ILE B 191 21.20 32.80 5.99
CA ILE B 191 21.89 32.83 4.71
C ILE B 191 23.28 32.13 4.77
N GLU B 192 23.98 32.24 5.90
CA GLU B 192 25.27 31.56 6.08
C GLU B 192 25.17 30.02 6.20
N VAL B 193 24.11 29.56 6.85
CA VAL B 193 23.79 28.14 6.95
C VAL B 193 23.46 27.57 5.55
N TRP B 194 22.67 28.32 4.78
CA TRP B 194 22.33 27.98 3.40
C TRP B 194 23.53 27.83 2.50
N ASP B 195 24.53 28.71 2.69
CA ASP B 195 25.80 28.64 1.95
C ASP B 195 26.63 27.39 2.27
N GLN B 196 26.59 26.93 3.51
CA GLN B 196 27.21 25.66 3.88
C GLN B 196 26.53 24.52 3.11
N ALA B 197 25.19 24.52 3.16
CA ALA B 197 24.34 23.53 2.50
C ALA B 197 24.56 23.47 0.99
N GLU B 198 24.73 24.65 0.37
CA GLU B 198 24.98 24.75 -1.07
C GLU B 198 26.38 24.24 -1.38
N LYS B 199 27.35 24.59 -0.53
CA LYS B 199 28.71 24.10 -0.70
C LYS B 199 28.77 22.55 -0.69
N GLN B 200 28.17 21.94 0.32
CA GLN B 200 28.14 20.48 0.43
C GLN B 200 27.51 19.77 -0.79
N LEU B 201 26.41 20.33 -1.33
CA LEU B 201 25.74 19.75 -2.51
C LEU B 201 26.62 19.84 -3.74
N GLU B 202 27.21 21.01 -3.94
CA GLU B 202 28.23 21.25 -4.94
C GLU B 202 29.32 20.19 -4.89
N ASN B 203 29.97 20.03 -3.74
CA ASN B 203 31.01 19.02 -3.53
C ASN B 203 30.58 17.60 -3.84
N SER B 204 29.35 17.26 -3.44
CA SER B 204 28.78 15.94 -3.70
C SER B 204 28.58 15.69 -5.20
N LEU B 205 28.15 16.76 -5.90
CA LEU B 205 27.99 16.76 -7.34
C LEU B 205 29.30 16.52 -8.11
N ASN B 206 30.37 17.17 -7.66
CA ASN B 206 31.72 17.03 -8.27
C ASN B 206 32.38 15.71 -7.95
N GLU B 207 32.10 15.12 -6.78
CA GLU B 207 32.68 13.83 -6.46
C GLU B 207 31.96 12.67 -7.14
N PHE B 208 30.67 12.87 -7.44
CA PHE B 208 29.94 11.95 -8.34
C PHE B 208 30.48 12.19 -9.77
N GLY B 209 30.31 11.22 -10.66
CA GLY B 209 30.92 11.33 -12.01
C GLY B 209 30.67 12.61 -12.84
N GLU B 210 29.44 13.12 -12.78
CA GLU B 210 28.75 13.70 -13.92
C GLU B 210 28.71 15.23 -14.05
N LYS B 211 28.48 15.69 -15.28
CA LYS B 211 28.22 17.09 -15.58
C LYS B 211 26.99 17.55 -14.82
N TRP B 212 26.98 18.81 -14.39
CA TRP B 212 25.79 19.37 -13.77
C TRP B 212 25.64 20.84 -14.04
N GLU B 213 24.39 21.32 -14.04
CA GLU B 213 24.10 22.74 -14.27
C GLU B 213 23.47 23.39 -13.03
N LEU B 214 23.42 24.72 -13.02
CA LEU B 214 22.81 25.46 -11.92
C LEU B 214 21.38 25.84 -12.24
N ASN B 215 20.45 25.41 -11.39
CA ASN B 215 19.11 25.98 -11.35
C ASN B 215 19.09 27.06 -10.25
N SER B 216 19.54 28.25 -10.63
CA SER B 216 19.64 29.41 -9.74
C SER B 216 18.29 29.77 -9.11
N GLY B 217 18.21 29.80 -7.78
CA GLY B 217 16.98 30.16 -7.04
C GLY B 217 15.82 29.16 -6.97
N ASP B 218 16.06 27.88 -7.31
CA ASP B 218 14.99 26.87 -7.34
C ASP B 218 14.93 25.90 -6.14
N GLY B 219 15.73 26.14 -5.11
CA GLY B 219 15.66 25.32 -3.90
C GLY B 219 14.31 25.40 -3.18
N ALA B 220 14.02 24.42 -2.32
CA ALA B 220 12.83 24.48 -1.46
C ALA B 220 13.00 25.62 -0.43
N PHE B 221 11.92 25.94 0.29
CA PHE B 221 12.00 26.98 1.30
C PHE B 221 12.89 26.55 2.48
N TYR B 222 13.07 25.23 2.61
CA TYR B 222 13.82 24.69 3.74
C TYR B 222 15.28 24.29 3.41
N GLY B 223 15.64 24.24 2.12
CA GLY B 223 17.02 23.91 1.75
C GLY B 223 17.34 23.83 0.26
N PRO B 224 18.63 23.78 -0.08
CA PRO B 224 18.98 23.60 -1.50
C PRO B 224 18.75 22.14 -1.95
N LYS B 225 18.76 21.89 -3.25
CA LYS B 225 18.55 20.55 -3.73
C LYS B 225 19.38 20.15 -4.94
N ILE B 226 19.56 18.84 -5.07
CA ILE B 226 19.96 18.27 -6.32
C ILE B 226 18.68 17.80 -6.98
N ASP B 227 18.40 18.39 -8.15
CA ASP B 227 17.25 18.05 -8.97
C ASP B 227 17.70 17.17 -10.15
N ILE B 228 17.02 16.04 -10.34
CA ILE B 228 17.43 15.07 -11.37
C ILE B 228 16.36 14.90 -12.44
N GLN B 229 16.71 15.25 -13.66
CA GLN B 229 15.82 15.06 -14.77
C GLN B 229 16.14 13.70 -15.37
N ILE B 230 15.13 12.91 -15.73
CA ILE B 230 15.37 11.65 -16.40
C ILE B 230 15.10 11.74 -17.90
N LYS B 231 15.93 11.03 -18.66
CA LYS B 231 15.77 10.93 -20.08
C LYS B 231 15.09 9.60 -20.38
N ASP B 232 13.96 9.65 -21.08
CA ASP B 232 13.23 8.43 -21.44
C ASP B 232 13.76 7.92 -22.78
N ALA B 233 13.28 6.75 -23.22
CA ALA B 233 13.81 6.13 -24.46
C ALA B 233 13.43 6.87 -25.75
N ILE B 234 12.60 7.89 -25.64
CA ILE B 234 12.16 8.66 -26.81
C ILE B 234 13.10 9.82 -27.04
N GLY B 235 13.35 10.58 -25.99
CA GLY B 235 14.29 11.69 -26.07
C GLY B 235 13.88 12.80 -25.14
N ARG B 236 12.89 12.52 -24.29
CA ARG B 236 12.35 13.56 -23.42
C ARG B 236 12.95 13.53 -22.01
N TYR B 237 13.17 14.72 -21.47
CA TYR B 237 13.60 14.90 -20.09
C TYR B 237 12.43 15.25 -19.19
N HIS B 238 12.34 14.59 -18.03
CA HIS B 238 11.28 14.83 -17.05
C HIS B 238 11.84 15.11 -15.70
N GLN B 239 11.25 16.07 -15.00
CA GLN B 239 11.67 16.37 -13.64
C GLN B 239 11.11 15.35 -12.62
N CYS B 240 11.92 14.39 -12.18
CA CYS B 240 11.41 13.34 -11.30
C CYS B 240 11.91 13.38 -9.90
N ALA B 241 13.24 13.38 -9.73
CA ALA B 241 13.87 13.07 -8.45
C ALA B 241 14.50 14.28 -7.78
N THR B 242 14.53 14.28 -6.46
CA THR B 242 15.24 15.32 -5.73
C THR B 242 16.03 14.74 -4.60
N ILE B 243 17.08 15.48 -4.23
CA ILE B 243 17.85 15.25 -3.03
C ILE B 243 18.01 16.60 -2.35
N GLN B 244 17.41 16.76 -1.19
CA GLN B 244 17.25 18.08 -0.59
C GLN B 244 17.87 18.12 0.82
N LEU B 245 18.74 19.09 1.05
CA LEU B 245 19.57 19.11 2.25
C LEU B 245 18.97 20.14 3.20
N ASP B 246 18.46 19.68 4.33
CA ASP B 246 17.62 20.53 5.14
C ASP B 246 18.23 20.70 6.54
N PHE B 247 18.77 21.89 6.81
CA PHE B 247 19.29 22.25 8.14
C PHE B 247 18.24 23.03 8.93
N GLN B 248 17.13 23.35 8.28
CA GLN B 248 16.19 24.34 8.81
C GLN B 248 15.06 23.77 9.64
N LEU B 249 14.42 22.73 9.12
CA LEU B 249 13.37 22.03 9.88
C LEU B 249 13.82 21.49 11.28
N PRO B 250 15.02 20.91 11.39
CA PRO B 250 15.50 20.51 12.73
C PRO B 250 15.57 21.66 13.76
N ILE B 251 15.92 22.86 13.30
CA ILE B 251 15.85 24.07 14.14
C ILE B 251 14.39 24.38 14.44
N ARG B 252 13.54 24.40 13.42
CA ARG B 252 12.10 24.65 13.60
C ARG B 252 11.43 23.76 14.62
N PHE B 253 11.75 22.46 14.57
CA PHE B 253 11.13 21.49 15.44
C PHE B 253 11.92 21.20 16.70
N ASN B 254 13.02 21.93 16.90
CA ASN B 254 13.94 21.71 18.03
C ASN B 254 14.33 20.22 18.09
N LEU B 255 14.74 19.68 16.95
CA LEU B 255 15.16 18.29 16.91
C LEU B 255 16.59 18.13 17.41
N THR B 256 16.79 17.16 18.30
CA THR B 256 18.11 16.76 18.85
C THR B 256 18.25 15.22 18.96
N TYR B 257 19.51 14.76 19.02
CA TYR B 257 19.85 13.37 19.37
C TYR B 257 21.01 13.41 20.36
N VAL B 258 21.10 12.37 21.18
CA VAL B 258 22.22 12.13 22.11
C VAL B 258 23.47 11.66 21.32
N SER B 259 24.55 12.43 21.43
CA SER B 259 25.79 12.16 20.68
C SER B 259 26.67 11.21 21.47
N HIS B 260 27.86 10.93 20.94
CA HIS B 260 28.88 10.11 21.59
C HIS B 260 29.15 10.65 22.96
N ASP B 261 29.27 9.75 23.93
CA ASP B 261 29.42 10.19 25.31
C ASP B 261 30.89 10.48 25.65
N GLY B 262 31.26 11.72 25.98
CA GLY B 262 30.39 12.79 26.43
C GLY B 262 30.54 14.08 25.64
N ASP B 263 29.89 14.10 24.47
CA ASP B 263 29.57 15.31 23.74
C ASP B 263 28.17 15.74 24.15
N ASP B 264 27.78 16.95 23.79
CA ASP B 264 26.44 17.42 24.08
C ASP B 264 25.53 16.90 22.98
N LYS B 265 24.23 17.00 23.20
CA LYS B 265 23.23 16.70 22.17
C LYS B 265 23.53 17.52 20.92
N LYS B 266 23.22 16.96 19.75
CA LYS B 266 23.33 17.73 18.51
C LYS B 266 22.02 17.74 17.72
N ARG B 267 21.95 18.58 16.69
CA ARG B 267 20.84 18.55 15.75
C ARG B 267 21.14 17.56 14.65
N PRO B 268 20.17 16.69 14.34
CA PRO B 268 20.19 15.89 13.13
C PRO B 268 20.06 16.78 11.90
N VAL B 269 20.66 16.32 10.82
CA VAL B 269 20.46 16.86 9.47
C VAL B 269 19.40 16.01 8.79
N ILE B 270 18.61 16.65 7.91
CA ILE B 270 17.56 15.98 7.16
C ILE B 270 17.83 16.04 5.65
N VAL B 271 17.90 14.88 5.01
CA VAL B 271 17.91 14.83 3.54
C VAL B 271 16.54 14.34 3.09
N HIS B 272 15.79 15.18 2.37
CA HIS B 272 14.56 14.76 1.70
C HIS B 272 14.96 14.15 0.39
N ARG B 273 14.32 13.04 0.02
CA ARG B 273 14.52 12.50 -1.31
C ARG B 273 13.31 11.74 -1.85
N ALA B 274 13.26 11.69 -3.18
CA ALA B 274 12.27 10.91 -3.88
C ALA B 274 12.94 10.52 -5.20
N ILE B 275 12.69 9.28 -5.64
CA ILE B 275 13.29 8.78 -6.88
C ILE B 275 12.28 8.84 -8.02
N LEU B 276 11.21 8.04 -7.91
CA LEU B 276 10.13 8.10 -8.90
C LEU B 276 9.51 9.47 -8.97
N GLY B 277 9.54 10.20 -7.85
CA GLY B 277 8.91 11.52 -7.80
C GLY B 277 7.52 11.41 -7.25
N SER B 278 6.59 10.94 -8.07
CA SER B 278 5.28 10.52 -7.59
C SER B 278 4.92 9.33 -8.44
N VAL B 279 4.14 8.40 -7.90
CA VAL B 279 3.75 7.28 -8.70
C VAL B 279 3.02 7.74 -9.95
N GLU B 280 2.07 8.64 -9.75
CA GLU B 280 1.28 9.25 -10.84
C GLU B 280 2.16 9.83 -11.96
N ARG B 281 3.08 10.73 -11.63
CA ARG B 281 3.97 11.27 -12.64
C ARG B 281 4.69 10.10 -13.37
N MET B 282 5.12 9.08 -12.62
CA MET B 282 5.93 8.05 -13.20
C MET B 282 5.12 7.11 -14.14
N ILE B 283 3.91 6.77 -13.74
CA ILE B 283 3.00 6.09 -14.65
C ILE B 283 2.81 6.88 -15.93
N ALA B 284 2.58 8.18 -15.84
CA ALA B 284 2.50 9.02 -17.05
C ALA B 284 3.70 8.78 -17.97
N ILE B 285 4.88 9.00 -17.42
CA ILE B 285 6.12 8.85 -18.14
C ILE B 285 6.22 7.47 -18.80
N LEU B 286 5.94 6.42 -18.04
CA LEU B 286 6.15 5.07 -18.49
C LEU B 286 5.15 4.68 -19.54
N THR B 287 3.88 5.03 -19.33
CA THR B 287 2.84 4.79 -20.31
C THR B 287 3.29 5.32 -21.70
N GLU B 288 3.80 6.54 -21.73
CA GLU B 288 4.25 7.17 -22.97
C GLU B 288 5.56 6.56 -23.49
N ASN B 289 6.53 6.37 -22.61
CA ASN B 289 7.80 5.74 -22.97
C ASN B 289 7.68 4.41 -23.73
N TYR B 290 6.89 3.48 -23.18
CA TYR B 290 6.74 2.18 -23.81
C TYR B 290 5.61 2.16 -24.83
N GLY B 291 4.79 3.21 -24.86
CA GLY B 291 3.69 3.32 -25.80
C GLY B 291 2.64 2.23 -25.57
N GLY B 292 2.54 1.76 -24.32
CA GLY B 292 1.67 0.64 -23.99
C GLY B 292 2.33 -0.72 -24.12
N LYS B 293 3.57 -0.75 -24.57
CA LYS B 293 4.24 -2.03 -24.71
C LYS B 293 5.02 -2.29 -23.39
N TRP B 294 4.29 -2.66 -22.35
CA TRP B 294 4.87 -2.76 -21.02
C TRP B 294 5.87 -3.88 -20.94
N PRO B 295 6.99 -3.65 -20.24
CA PRO B 295 7.84 -4.80 -19.94
C PRO B 295 7.12 -5.72 -18.94
N PHE B 296 7.52 -6.98 -18.95
CA PHE B 296 6.76 -8.04 -18.28
C PHE B 296 6.40 -7.75 -16.80
N TRP B 297 7.35 -7.37 -15.98
CA TRP B 297 7.09 -7.17 -14.57
C TRP B 297 6.10 -6.04 -14.30
N LEU B 298 6.02 -5.06 -15.20
CA LEU B 298 5.09 -3.95 -15.07
C LEU B 298 3.75 -4.19 -15.79
N SER B 299 3.73 -5.21 -16.63
CA SER B 299 2.59 -5.48 -17.50
C SER B 299 1.33 -5.98 -16.84
N PRO B 300 0.21 -5.26 -17.02
CA PRO B 300 -1.06 -5.78 -16.51
C PRO B 300 -1.71 -6.75 -17.51
N ARG B 301 -0.95 -7.11 -18.54
CA ARG B 301 -1.37 -8.11 -19.51
C ARG B 301 -0.20 -9.10 -19.72
N GLN B 302 0.01 -9.96 -18.74
CA GLN B 302 1.16 -10.82 -18.77
C GLN B 302 0.96 -12.04 -19.64
N VAL B 303 -0.24 -12.62 -19.55
CA VAL B 303 -0.53 -13.93 -20.14
C VAL B 303 -1.94 -13.89 -20.71
N MET B 304 -2.09 -14.17 -22.01
CA MET B 304 -3.39 -14.51 -22.62
C MET B 304 -3.41 -16.02 -22.94
N VAL B 305 -4.44 -16.71 -22.42
CA VAL B 305 -4.63 -18.13 -22.67
C VAL B 305 -5.64 -18.27 -23.82
N VAL B 306 -5.30 -19.06 -24.85
CA VAL B 306 -6.20 -19.24 -26.01
C VAL B 306 -6.49 -20.71 -26.35
N PRO B 307 -7.71 -21.19 -26.05
CA PRO B 307 -8.05 -22.56 -26.44
C PRO B 307 -7.95 -22.72 -27.95
N VAL B 308 -7.60 -23.91 -28.47
CA VAL B 308 -7.58 -24.10 -29.93
C VAL B 308 -9.03 -24.13 -30.46
N GLY B 309 -9.92 -24.77 -29.70
CA GLY B 309 -11.35 -24.79 -30.00
C GLY B 309 -12.12 -24.93 -28.70
N PRO B 310 -13.47 -24.91 -28.77
CA PRO B 310 -14.34 -24.90 -27.59
C PRO B 310 -14.27 -26.15 -26.70
N THR B 311 -13.84 -27.30 -27.23
CA THR B 311 -13.61 -28.48 -26.36
C THR B 311 -12.47 -28.29 -25.36
N CYS B 312 -11.55 -27.36 -25.65
CA CYS B 312 -10.44 -27.02 -24.71
C CYS B 312 -10.70 -25.81 -23.82
N ASP B 313 -11.96 -25.35 -23.76
CA ASP B 313 -12.34 -24.15 -22.98
C ASP B 313 -12.06 -24.29 -21.49
N GLU B 314 -12.54 -25.39 -20.91
CA GLU B 314 -12.46 -25.62 -19.48
C GLU B 314 -10.99 -25.76 -19.05
N TYR B 315 -10.18 -26.40 -19.90
CA TYR B 315 -8.76 -26.57 -19.64
C TYR B 315 -8.06 -25.20 -19.69
N ALA B 316 -8.48 -24.37 -20.64
CA ALA B 316 -7.93 -23.02 -20.76
C ALA B 316 -8.27 -22.23 -19.50
N GLN B 317 -9.51 -22.33 -19.03
CA GLN B 317 -9.92 -21.69 -17.78
C GLN B 317 -9.04 -22.18 -16.59
N LYS B 318 -8.73 -23.47 -16.55
CA LYS B 318 -7.87 -24.01 -15.51
C LYS B 318 -6.45 -23.43 -15.57
N VAL B 319 -5.88 -23.38 -16.78
CA VAL B 319 -4.52 -22.84 -16.96
C VAL B 319 -4.51 -21.36 -16.53
N ARG B 320 -5.53 -20.65 -16.96
CA ARG B 320 -5.64 -19.23 -16.67
C ARG B 320 -5.74 -19.00 -15.16
N GLN B 321 -6.57 -19.80 -14.48
CA GLN B 321 -6.68 -19.75 -13.01
C GLN B 321 -5.33 -20.06 -12.33
N GLN B 322 -4.62 -21.06 -12.84
CA GLN B 322 -3.29 -21.37 -12.30
C GLN B 322 -2.29 -20.21 -12.39
N PHE B 323 -2.18 -19.57 -13.54
CA PHE B 323 -1.31 -18.42 -13.63
C PHE B 323 -1.81 -17.30 -12.71
N HIS B 324 -3.13 -17.08 -12.68
CA HIS B 324 -3.75 -16.13 -11.77
C HIS B 324 -3.37 -16.35 -10.33
N ASP B 325 -3.55 -17.58 -9.84
CA ASP B 325 -3.19 -17.96 -8.48
C ASP B 325 -1.69 -17.83 -8.23
N ALA B 326 -0.87 -17.93 -9.27
CA ALA B 326 0.58 -17.71 -9.09
C ALA B 326 0.96 -16.22 -9.27
N LYS B 327 -0.07 -15.36 -9.21
CA LYS B 327 0.09 -13.89 -9.10
C LYS B 327 0.31 -13.13 -10.42
N PHE B 328 0.08 -13.79 -11.54
CA PHE B 328 0.23 -13.16 -12.84
C PHE B 328 -1.08 -12.54 -13.28
N MET B 329 -0.96 -11.49 -14.08
CA MET B 329 -2.12 -10.88 -14.69
C MET B 329 -2.51 -11.68 -15.93
N ALA B 330 -3.45 -12.62 -15.77
CA ALA B 330 -3.68 -13.62 -16.82
C ALA B 330 -5.10 -13.52 -17.28
N ASP B 331 -5.31 -13.43 -18.59
CA ASP B 331 -6.68 -13.37 -19.15
C ASP B 331 -6.90 -14.55 -20.08
N ILE B 332 -8.11 -14.63 -20.62
CA ILE B 332 -8.54 -15.75 -21.42
C ILE B 332 -9.40 -15.26 -22.60
N ASP B 333 -9.27 -15.92 -23.75
CA ASP B 333 -10.07 -15.53 -24.92
C ASP B 333 -10.82 -16.75 -25.49
N LEU B 334 -12.07 -16.89 -25.05
CA LEU B 334 -12.92 -18.03 -25.37
C LEU B 334 -13.80 -17.83 -26.63
N ASP B 335 -14.06 -16.56 -26.99
CA ASP B 335 -14.79 -16.17 -28.22
C ASP B 335 -14.63 -17.11 -29.43
N PRO B 336 -15.69 -17.88 -29.75
CA PRO B 336 -15.60 -18.90 -30.81
C PRO B 336 -15.65 -18.32 -32.22
N GLY B 337 -16.00 -17.04 -32.35
CA GLY B 337 -16.20 -16.45 -33.68
C GLY B 337 -14.99 -16.15 -34.55
N CYS B 338 -13.77 -16.35 -34.05
CA CYS B 338 -12.58 -15.94 -34.80
C CYS B 338 -11.58 -17.08 -34.85
N THR B 339 -10.67 -17.05 -35.84
CA THR B 339 -9.64 -18.07 -35.93
C THR B 339 -8.61 -17.96 -34.81
N LEU B 340 -7.98 -19.11 -34.55
CA LEU B 340 -6.86 -19.17 -33.67
C LEU B 340 -5.84 -18.09 -34.00
N ASN B 341 -5.44 -17.98 -35.27
CA ASN B 341 -4.46 -16.97 -35.66
C ASN B 341 -4.93 -15.52 -35.43
N LYS B 342 -6.24 -15.29 -35.62
CA LYS B 342 -6.79 -13.97 -35.38
C LYS B 342 -6.65 -13.64 -33.91
N LYS B 343 -7.07 -14.56 -33.04
CA LYS B 343 -7.01 -14.30 -31.61
C LYS B 343 -5.59 -14.06 -31.09
N ILE B 344 -4.63 -14.82 -31.62
CA ILE B 344 -3.22 -14.66 -31.27
C ILE B 344 -2.79 -13.26 -31.62
N ARG B 345 -3.10 -12.86 -32.85
CA ARG B 345 -2.78 -11.55 -33.35
C ARG B 345 -3.42 -10.44 -32.50
N ASN B 346 -4.69 -10.59 -32.15
CA ASN B 346 -5.35 -9.61 -31.25
C ASN B 346 -4.66 -9.42 -29.89
N ALA B 347 -4.31 -10.52 -29.25
CA ALA B 347 -3.68 -10.49 -27.93
C ALA B 347 -2.33 -9.81 -28.04
N GLN B 348 -1.62 -10.11 -29.13
CA GLN B 348 -0.37 -9.44 -29.48
C GLN B 348 -0.51 -7.93 -29.72
N LEU B 349 -1.57 -7.50 -30.38
CA LEU B 349 -1.81 -6.06 -30.55
C LEU B 349 -2.29 -5.42 -29.25
N ALA B 350 -2.92 -6.21 -28.39
CA ALA B 350 -3.36 -5.65 -27.14
C ALA B 350 -2.20 -5.64 -26.16
N GLN B 351 -1.01 -6.08 -26.59
CA GLN B 351 0.23 -6.01 -25.80
C GLN B 351 0.46 -7.08 -24.70
N TYR B 352 -0.14 -8.24 -24.83
CA TYR B 352 0.16 -9.33 -23.89
C TYR B 352 1.55 -9.83 -24.13
N ASN B 353 2.34 -9.99 -23.06
CA ASN B 353 3.71 -10.47 -23.21
C ASN B 353 3.80 -11.90 -23.73
N PHE B 354 2.92 -12.79 -23.26
CA PHE B 354 2.99 -14.23 -23.55
C PHE B 354 1.60 -14.73 -23.88
N ILE B 355 1.48 -15.47 -24.98
CA ILE B 355 0.20 -16.04 -25.38
C ILE B 355 0.37 -17.52 -25.30
N LEU B 356 -0.51 -18.17 -24.54
CA LEU B 356 -0.37 -19.57 -24.28
C LEU B 356 -1.49 -20.27 -24.98
N VAL B 357 -1.13 -21.08 -25.98
CA VAL B 357 -2.12 -21.78 -26.79
C VAL B 357 -2.35 -23.21 -26.27
N VAL B 358 -3.61 -23.57 -26.20
CA VAL B 358 -3.98 -24.80 -25.52
C VAL B 358 -4.95 -25.60 -26.38
N GLY B 359 -4.45 -26.66 -27.02
CA GLY B 359 -5.30 -27.63 -27.70
C GLY B 359 -5.38 -28.96 -26.96
N GLU B 360 -6.01 -29.93 -27.60
CA GLU B 360 -6.22 -31.26 -27.05
C GLU B 360 -4.93 -31.88 -26.45
N LYS B 361 -3.84 -31.76 -27.19
CA LYS B 361 -2.61 -32.43 -26.84
C LYS B 361 -2.03 -31.76 -25.60
N GLU B 362 -2.19 -30.44 -25.51
CA GLU B 362 -1.77 -29.66 -24.33
C GLU B 362 -2.63 -29.96 -23.08
N LYS B 363 -3.96 -30.07 -23.27
CA LYS B 363 -4.90 -30.53 -22.21
C LYS B 363 -4.51 -31.89 -21.64
N ILE B 364 -4.21 -32.82 -22.53
CA ILE B 364 -3.93 -34.20 -22.14
C ILE B 364 -2.61 -34.31 -21.35
N SER B 365 -1.65 -33.42 -21.64
CA SER B 365 -0.33 -33.52 -21.00
C SER B 365 0.03 -32.43 -19.96
N GLY B 366 -0.96 -31.58 -19.65
CA GLY B 366 -0.75 -30.49 -18.70
C GLY B 366 0.31 -29.48 -19.17
N THR B 367 0.32 -29.20 -20.47
CA THR B 367 1.29 -28.29 -21.04
C THR B 367 0.65 -27.07 -21.71
N VAL B 368 1.52 -26.17 -22.18
CA VAL B 368 1.10 -25.00 -22.95
C VAL B 368 2.02 -24.77 -24.14
N ASN B 369 1.46 -24.16 -25.17
CA ASN B 369 2.24 -23.84 -26.35
C ASN B 369 2.51 -22.36 -26.39
N ILE B 370 3.76 -21.99 -26.16
CA ILE B 370 4.10 -20.60 -25.84
C ILE B 370 4.46 -19.78 -27.08
N ARG B 371 3.84 -18.61 -27.16
CA ARG B 371 4.12 -17.62 -28.17
C ARG B 371 4.37 -16.31 -27.44
N THR B 372 5.32 -15.50 -27.91
CA THR B 372 5.52 -14.16 -27.35
C THR B 372 4.77 -13.06 -28.07
N ARG B 373 4.73 -11.88 -27.46
CA ARG B 373 4.23 -10.64 -28.05
C ARG B 373 4.77 -10.34 -29.45
N ASP B 374 6.08 -10.52 -29.67
CA ASP B 374 6.70 -10.19 -30.95
C ASP B 374 6.70 -11.35 -31.91
N ASN B 375 5.87 -12.34 -31.58
CA ASN B 375 5.56 -13.49 -32.43
C ASN B 375 6.61 -14.57 -32.54
N LYS B 376 7.41 -14.70 -31.49
CA LYS B 376 8.37 -15.76 -31.32
C LYS B 376 7.69 -17.02 -30.78
N VAL B 377 8.08 -18.19 -31.31
CA VAL B 377 7.50 -19.45 -30.90
C VAL B 377 8.51 -20.20 -30.04
N HIS B 378 8.14 -20.50 -28.79
CA HIS B 378 9.02 -21.27 -27.90
C HIS B 378 8.52 -22.68 -27.73
N GLY B 379 7.33 -22.96 -28.25
CA GLY B 379 6.78 -24.31 -28.18
C GLY B 379 6.28 -24.77 -26.82
N GLU B 380 6.25 -26.09 -26.64
CA GLU B 380 5.53 -26.72 -25.54
C GLU B 380 6.36 -26.75 -24.24
N ARG B 381 5.71 -26.41 -23.13
CA ARG B 381 6.29 -26.46 -21.80
C ARG B 381 5.18 -26.80 -20.83
N THR B 382 5.51 -27.36 -19.67
CA THR B 382 4.47 -27.66 -18.68
C THR B 382 3.94 -26.36 -18.09
N ILE B 383 2.79 -26.43 -17.43
CA ILE B 383 2.25 -25.27 -16.76
C ILE B 383 3.20 -24.83 -15.65
N SER B 384 3.67 -25.77 -14.82
CA SER B 384 4.52 -25.43 -13.66
C SER B 384 5.85 -24.76 -14.04
N GLU B 385 6.50 -25.29 -15.07
CA GLU B 385 7.80 -24.79 -15.55
C GLU B 385 7.61 -23.41 -16.18
N THR B 386 6.47 -23.19 -16.83
CA THR B 386 6.19 -21.90 -17.40
C THR B 386 6.02 -20.87 -16.28
N ILE B 387 5.22 -21.22 -15.27
CA ILE B 387 5.05 -20.40 -14.09
C ILE B 387 6.41 -20.10 -13.43
N GLU B 388 7.22 -21.13 -13.25
CA GLU B 388 8.54 -20.96 -12.61
C GLU B 388 9.42 -19.96 -13.40
N ARG B 389 9.51 -20.14 -14.72
CA ARG B 389 10.36 -19.29 -15.56
C ARG B 389 9.82 -17.85 -15.65
N LEU B 390 8.50 -17.71 -15.79
CA LEU B 390 7.88 -16.39 -15.73
C LEU B 390 8.06 -15.71 -14.35
N GLN B 391 8.05 -16.46 -13.26
CA GLN B 391 8.35 -15.86 -11.94
C GLN B 391 9.74 -15.24 -11.87
N GLN B 392 10.72 -15.90 -12.48
CA GLN B 392 12.10 -15.36 -12.49
C GLN B 392 12.15 -14.03 -13.25
N LEU B 393 11.59 -14.02 -14.46
CA LEU B 393 11.51 -12.81 -15.30
C LEU B 393 10.81 -11.64 -14.60
N LYS B 394 9.78 -11.94 -13.80
CA LYS B 394 9.10 -10.93 -13.03
C LYS B 394 9.96 -10.48 -11.85
N GLU B 395 10.36 -11.42 -11.00
CA GLU B 395 11.22 -11.11 -9.88
C GLU B 395 12.41 -10.22 -10.24
N PHE B 396 13.06 -10.50 -11.37
CA PHE B 396 14.25 -9.73 -11.74
C PHE B 396 13.96 -8.49 -12.61
N ARG B 397 12.69 -8.28 -12.93
CA ARG B 397 12.28 -7.03 -13.60
C ARG B 397 13.08 -6.81 -14.90
N SER B 398 13.21 -7.86 -15.71
CA SER B 398 13.96 -7.81 -16.95
C SER B 398 13.17 -7.33 -18.18
N LYS B 399 13.77 -7.52 -19.37
CA LYS B 399 13.03 -7.49 -20.69
C LYS B 399 12.83 -8.78 -21.60
N GLN B 400 11.79 -9.55 -21.23
CA GLN B 400 11.31 -10.86 -21.75
C GLN B 400 11.46 -11.41 -23.18
N ALA B 401 12.56 -11.12 -23.89
CA ALA B 401 12.98 -11.91 -25.08
C ALA B 401 14.11 -12.84 -24.65
N GLU B 402 13.94 -13.40 -23.45
CA GLU B 402 14.98 -14.04 -22.68
C GLU B 402 14.43 -15.31 -22.05
N GLU B 403 13.23 -15.73 -22.47
CA GLU B 403 12.54 -16.87 -21.87
C GLU B 403 13.35 -18.17 -21.83
N GLU B 404 14.43 -18.27 -22.62
CA GLU B 404 15.24 -19.49 -22.63
C GLU B 404 16.27 -19.58 -21.50
#